data_2FQ3
# 
_entry.id   2FQ3 
# 
_audit_conform.dict_name       mmcif_pdbx.dic 
_audit_conform.dict_version    5.387 
_audit_conform.dict_location   http://mmcif.pdb.org/dictionaries/ascii/mmcif_pdbx.dic 
# 
loop_
_database_2.database_id 
_database_2.database_code 
_database_2.pdbx_database_accession 
_database_2.pdbx_DOI 
PDB   2FQ3         pdb_00002fq3 10.2210/pdb2fq3/pdb 
RCSB  RCSB036174   ?            ?                   
WWPDB D_1000036174 ?            ?                   
# 
loop_
_pdbx_audit_revision_history.ordinal 
_pdbx_audit_revision_history.data_content_type 
_pdbx_audit_revision_history.major_revision 
_pdbx_audit_revision_history.minor_revision 
_pdbx_audit_revision_history.revision_date 
1 'Structure model' 1 0 2006-02-07 
2 'Structure model' 1 1 2008-05-01 
3 'Structure model' 1 2 2011-07-13 
4 'Structure model' 1 3 2024-02-14 
# 
_pdbx_audit_revision_details.ordinal             1 
_pdbx_audit_revision_details.revision_ordinal    1 
_pdbx_audit_revision_details.data_content_type   'Structure model' 
_pdbx_audit_revision_details.provider            repository 
_pdbx_audit_revision_details.type                'Initial release' 
_pdbx_audit_revision_details.description         ? 
_pdbx_audit_revision_details.details             ? 
# 
loop_
_pdbx_audit_revision_group.ordinal 
_pdbx_audit_revision_group.revision_ordinal 
_pdbx_audit_revision_group.data_content_type 
_pdbx_audit_revision_group.group 
1 2 'Structure model' 'Version format compliance' 
2 3 'Structure model' 'Version format compliance' 
3 4 'Structure model' 'Data collection'           
4 4 'Structure model' 'Database references'       
# 
loop_
_pdbx_audit_revision_category.ordinal 
_pdbx_audit_revision_category.revision_ordinal 
_pdbx_audit_revision_category.data_content_type 
_pdbx_audit_revision_category.category 
1 4 'Structure model' chem_comp_atom     
2 4 'Structure model' chem_comp_bond     
3 4 'Structure model' database_2         
4 4 'Structure model' struct_ref_seq_dif 
# 
loop_
_pdbx_audit_revision_item.ordinal 
_pdbx_audit_revision_item.revision_ordinal 
_pdbx_audit_revision_item.data_content_type 
_pdbx_audit_revision_item.item 
1 4 'Structure model' '_database_2.pdbx_DOI'                
2 4 'Structure model' '_database_2.pdbx_database_accession' 
3 4 'Structure model' '_struct_ref_seq_dif.details'         
# 
_pdbx_database_status.status_code                     REL 
_pdbx_database_status.entry_id                        2FQ3 
_pdbx_database_status.recvd_initial_deposition_date   2006-01-17 
_pdbx_database_status.deposit_site                    RCSB 
_pdbx_database_status.process_site                    RCSB 
_pdbx_database_status.status_code_sf                  REL 
_pdbx_database_status.status_code_mr                  ? 
_pdbx_database_status.SG_entry                        ? 
_pdbx_database_status.pdb_format_compatible           Y 
_pdbx_database_status.status_code_cs                  ? 
_pdbx_database_status.status_code_nmr_data            ? 
_pdbx_database_status.methods_development_category    ? 
# 
loop_
_audit_author.name 
_audit_author.pdbx_ordinal 
'Da, G.'          1 
'Lenkart, J.'     2 
'Zhao, K.'        3 
'Shiekhattar, R.' 4 
'Cairns, B.R.'    5 
'Marmorstein, R.' 6 
# 
_citation.id                        primary 
_citation.title                     
'Structure and function of the SWIRM domain, a conserved protein module found in chromatin regulatory complexes' 
_citation.journal_abbrev            Proc.Natl.Acad.Sci.Usa 
_citation.journal_volume            103 
_citation.page_first                2057 
_citation.page_last                 2062 
_citation.year                      2006 
_citation.journal_id_ASTM           PNASA6 
_citation.country                   US 
_citation.journal_id_ISSN           0027-8424 
_citation.journal_id_CSD            0040 
_citation.book_publisher            ? 
_citation.pdbx_database_id_PubMed   16461455 
_citation.pdbx_database_id_DOI      10.1073/pnas.0510949103 
# 
loop_
_citation_author.citation_id 
_citation_author.name 
_citation_author.ordinal 
_citation_author.identifier_ORCID 
primary 'Da, G.'          1 ? 
primary 'Lenkart, J.'     2 ? 
primary 'Zhao, K.'        3 ? 
primary 'Shiekhattar, R.' 4 ? 
primary 'Cairns, B.R.'    5 ? 
primary 'Marmorstein, R.' 6 ? 
# 
loop_
_entity.id 
_entity.type 
_entity.src_method 
_entity.pdbx_description 
_entity.formula_weight 
_entity.pdbx_number_of_molecules 
_entity.pdbx_ec 
_entity.pdbx_mutation 
_entity.pdbx_fragment 
_entity.details 
1 polymer man 'Transcription regulatory protein SWI3' 12382.059 1   ? ? 'SWIRM domain' ? 
2 water   nat water                                   18.015    123 ? ? ?              ? 
# 
_entity_name_com.entity_id   1 
_entity_name_com.name        'SWI/SNF complex component SWI3, Transcription factor TYE2' 
# 
_entity_poly.entity_id                      1 
_entity_poly.type                           'polypeptide(L)' 
_entity_poly.nstd_linkage                   no 
_entity_poly.nstd_monomer                   no 
_entity_poly.pdbx_seq_one_letter_code       
;MRGSHHHHHHGMASSYSKWFNLEKIHSIEVQSLPEFFTNRIPSKTPEVYMRYRNFMVNSYRLNPNEYFSVTTARRNVSGD
AAALFRLHKFLTKWGLINYQVDSK
;
_entity_poly.pdbx_seq_one_letter_code_can   
;MRGSHHHHHHGMASSYSKWFNLEKIHSIEVQSLPEFFTNRIPSKTPEVYMRYRNFMVNSYRLNPNEYFSVTTARRNVSGD
AAALFRLHKFLTKWGLINYQVDSK
;
_entity_poly.pdbx_strand_id                 A 
_entity_poly.pdbx_target_identifier         ? 
# 
_pdbx_entity_nonpoly.entity_id   2 
_pdbx_entity_nonpoly.name        water 
_pdbx_entity_nonpoly.comp_id     HOH 
# 
loop_
_entity_poly_seq.entity_id 
_entity_poly_seq.num 
_entity_poly_seq.mon_id 
_entity_poly_seq.hetero 
1 1   MET n 
1 2   ARG n 
1 3   GLY n 
1 4   SER n 
1 5   HIS n 
1 6   HIS n 
1 7   HIS n 
1 8   HIS n 
1 9   HIS n 
1 10  HIS n 
1 11  GLY n 
1 12  MET n 
1 13  ALA n 
1 14  SER n 
1 15  SER n 
1 16  TYR n 
1 17  SER n 
1 18  LYS n 
1 19  TRP n 
1 20  PHE n 
1 21  ASN n 
1 22  LEU n 
1 23  GLU n 
1 24  LYS n 
1 25  ILE n 
1 26  HIS n 
1 27  SER n 
1 28  ILE n 
1 29  GLU n 
1 30  VAL n 
1 31  GLN n 
1 32  SER n 
1 33  LEU n 
1 34  PRO n 
1 35  GLU n 
1 36  PHE n 
1 37  PHE n 
1 38  THR n 
1 39  ASN n 
1 40  ARG n 
1 41  ILE n 
1 42  PRO n 
1 43  SER n 
1 44  LYS n 
1 45  THR n 
1 46  PRO n 
1 47  GLU n 
1 48  VAL n 
1 49  TYR n 
1 50  MET n 
1 51  ARG n 
1 52  TYR n 
1 53  ARG n 
1 54  ASN n 
1 55  PHE n 
1 56  MET n 
1 57  VAL n 
1 58  ASN n 
1 59  SER n 
1 60  TYR n 
1 61  ARG n 
1 62  LEU n 
1 63  ASN n 
1 64  PRO n 
1 65  ASN n 
1 66  GLU n 
1 67  TYR n 
1 68  PHE n 
1 69  SER n 
1 70  VAL n 
1 71  THR n 
1 72  THR n 
1 73  ALA n 
1 74  ARG n 
1 75  ARG n 
1 76  ASN n 
1 77  VAL n 
1 78  SER n 
1 79  GLY n 
1 80  ASP n 
1 81  ALA n 
1 82  ALA n 
1 83  ALA n 
1 84  LEU n 
1 85  PHE n 
1 86  ARG n 
1 87  LEU n 
1 88  HIS n 
1 89  LYS n 
1 90  PHE n 
1 91  LEU n 
1 92  THR n 
1 93  LYS n 
1 94  TRP n 
1 95  GLY n 
1 96  LEU n 
1 97  ILE n 
1 98  ASN n 
1 99  TYR n 
1 100 GLN n 
1 101 VAL n 
1 102 ASP n 
1 103 SER n 
1 104 LYS n 
# 
_entity_src_gen.entity_id                          1 
_entity_src_gen.pdbx_src_id                        1 
_entity_src_gen.pdbx_alt_source_flag               sample 
_entity_src_gen.pdbx_seq_type                      ? 
_entity_src_gen.pdbx_beg_seq_num                   ? 
_entity_src_gen.pdbx_end_seq_num                   ? 
_entity_src_gen.gene_src_common_name               
;baker's yeast
;
_entity_src_gen.gene_src_genus                     Saccharomyces 
_entity_src_gen.pdbx_gene_src_gene                 'SWI3, TYE2' 
_entity_src_gen.gene_src_species                   ? 
_entity_src_gen.gene_src_strain                    ? 
_entity_src_gen.gene_src_tissue                    ? 
_entity_src_gen.gene_src_tissue_fraction           ? 
_entity_src_gen.gene_src_details                   ? 
_entity_src_gen.pdbx_gene_src_fragment             ? 
_entity_src_gen.pdbx_gene_src_scientific_name      'Saccharomyces cerevisiae' 
_entity_src_gen.pdbx_gene_src_ncbi_taxonomy_id     4932 
_entity_src_gen.pdbx_gene_src_variant              ? 
_entity_src_gen.pdbx_gene_src_cell_line            ? 
_entity_src_gen.pdbx_gene_src_atcc                 ? 
_entity_src_gen.pdbx_gene_src_organ                ? 
_entity_src_gen.pdbx_gene_src_organelle            ? 
_entity_src_gen.pdbx_gene_src_cell                 ? 
_entity_src_gen.pdbx_gene_src_cellular_location    ? 
_entity_src_gen.host_org_common_name               ? 
_entity_src_gen.pdbx_host_org_scientific_name      'Escherichia coli BL21(DE3)' 
_entity_src_gen.pdbx_host_org_ncbi_taxonomy_id     469008 
_entity_src_gen.host_org_genus                     Escherichia 
_entity_src_gen.pdbx_host_org_gene                 ? 
_entity_src_gen.pdbx_host_org_organ                ? 
_entity_src_gen.host_org_species                   'Escherichia coli' 
_entity_src_gen.pdbx_host_org_tissue               ? 
_entity_src_gen.pdbx_host_org_tissue_fraction      ? 
_entity_src_gen.pdbx_host_org_strain               'BL21(DE3)' 
_entity_src_gen.pdbx_host_org_variant              ? 
_entity_src_gen.pdbx_host_org_cell_line            ? 
_entity_src_gen.pdbx_host_org_atcc                 ? 
_entity_src_gen.pdbx_host_org_culture_collection   ? 
_entity_src_gen.pdbx_host_org_cell                 ? 
_entity_src_gen.pdbx_host_org_organelle            ? 
_entity_src_gen.pdbx_host_org_cellular_location    ? 
_entity_src_gen.pdbx_host_org_vector_type          plasmid 
_entity_src_gen.pdbx_host_org_vector               ? 
_entity_src_gen.host_org_details                   ? 
_entity_src_gen.expression_system_id               ? 
_entity_src_gen.plasmid_name                       pRSET-A 
_entity_src_gen.plasmid_details                    ? 
_entity_src_gen.pdbx_description                   ? 
# 
loop_
_chem_comp.id 
_chem_comp.type 
_chem_comp.mon_nstd_flag 
_chem_comp.name 
_chem_comp.pdbx_synonyms 
_chem_comp.formula 
_chem_comp.formula_weight 
ALA 'L-peptide linking' y ALANINE         ? 'C3 H7 N O2'     89.093  
ARG 'L-peptide linking' y ARGININE        ? 'C6 H15 N4 O2 1' 175.209 
ASN 'L-peptide linking' y ASPARAGINE      ? 'C4 H8 N2 O3'    132.118 
ASP 'L-peptide linking' y 'ASPARTIC ACID' ? 'C4 H7 N O4'     133.103 
GLN 'L-peptide linking' y GLUTAMINE       ? 'C5 H10 N2 O3'   146.144 
GLU 'L-peptide linking' y 'GLUTAMIC ACID' ? 'C5 H9 N O4'     147.129 
GLY 'peptide linking'   y GLYCINE         ? 'C2 H5 N O2'     75.067  
HIS 'L-peptide linking' y HISTIDINE       ? 'C6 H10 N3 O2 1' 156.162 
HOH non-polymer         . WATER           ? 'H2 O'           18.015  
ILE 'L-peptide linking' y ISOLEUCINE      ? 'C6 H13 N O2'    131.173 
LEU 'L-peptide linking' y LEUCINE         ? 'C6 H13 N O2'    131.173 
LYS 'L-peptide linking' y LYSINE          ? 'C6 H15 N2 O2 1' 147.195 
MET 'L-peptide linking' y METHIONINE      ? 'C5 H11 N O2 S'  149.211 
PHE 'L-peptide linking' y PHENYLALANINE   ? 'C9 H11 N O2'    165.189 
PRO 'L-peptide linking' y PROLINE         ? 'C5 H9 N O2'     115.130 
SER 'L-peptide linking' y SERINE          ? 'C3 H7 N O3'     105.093 
THR 'L-peptide linking' y THREONINE       ? 'C4 H9 N O3'     119.119 
TRP 'L-peptide linking' y TRYPTOPHAN      ? 'C11 H12 N2 O2'  204.225 
TYR 'L-peptide linking' y TYROSINE        ? 'C9 H11 N O3'    181.189 
VAL 'L-peptide linking' y VALINE          ? 'C5 H11 N O2'    117.146 
# 
loop_
_pdbx_poly_seq_scheme.asym_id 
_pdbx_poly_seq_scheme.entity_id 
_pdbx_poly_seq_scheme.seq_id 
_pdbx_poly_seq_scheme.mon_id 
_pdbx_poly_seq_scheme.ndb_seq_num 
_pdbx_poly_seq_scheme.pdb_seq_num 
_pdbx_poly_seq_scheme.auth_seq_num 
_pdbx_poly_seq_scheme.pdb_mon_id 
_pdbx_poly_seq_scheme.auth_mon_id 
_pdbx_poly_seq_scheme.pdb_strand_id 
_pdbx_poly_seq_scheme.pdb_ins_code 
_pdbx_poly_seq_scheme.hetero 
A 1 1   MET 1   295 ?   ?   ?   A . n 
A 1 2   ARG 2   296 ?   ?   ?   A . n 
A 1 3   GLY 3   297 ?   ?   ?   A . n 
A 1 4   SER 4   298 ?   ?   ?   A . n 
A 1 5   HIS 5   299 ?   ?   ?   A . n 
A 1 6   HIS 6   300 ?   ?   ?   A . n 
A 1 7   HIS 7   301 ?   ?   ?   A . n 
A 1 8   HIS 8   302 ?   ?   ?   A . n 
A 1 9   HIS 9   303 ?   ?   ?   A . n 
A 1 10  HIS 10  304 ?   ?   ?   A . n 
A 1 11  GLY 11  305 ?   ?   ?   A . n 
A 1 12  MET 12  306 ?   ?   ?   A . n 
A 1 13  ALA 13  307 ?   ?   ?   A . n 
A 1 14  SER 14  308 ?   ?   ?   A . n 
A 1 15  SER 15  309 ?   ?   ?   A . n 
A 1 16  TYR 16  310 ?   ?   ?   A . n 
A 1 17  SER 17  311 311 SER SER A . n 
A 1 18  LYS 18  312 312 LYS LYS A . n 
A 1 19  TRP 19  313 313 TRP TRP A . n 
A 1 20  PHE 20  314 314 PHE PHE A . n 
A 1 21  ASN 21  315 315 ASN ASN A . n 
A 1 22  LEU 22  316 316 LEU LEU A . n 
A 1 23  GLU 23  317 317 GLU GLU A . n 
A 1 24  LYS 24  318 318 LYS LYS A . n 
A 1 25  ILE 25  319 319 ILE ILE A . n 
A 1 26  HIS 26  320 320 HIS HIS A . n 
A 1 27  SER 27  321 321 SER SER A . n 
A 1 28  ILE 28  322 322 ILE ILE A . n 
A 1 29  GLU 29  323 323 GLU GLU A . n 
A 1 30  VAL 30  324 324 VAL VAL A . n 
A 1 31  GLN 31  325 325 GLN GLN A . n 
A 1 32  SER 32  326 326 SER SER A . n 
A 1 33  LEU 33  327 327 LEU LEU A . n 
A 1 34  PRO 34  328 328 PRO PRO A . n 
A 1 35  GLU 35  329 329 GLU GLU A . n 
A 1 36  PHE 36  330 330 PHE PHE A . n 
A 1 37  PHE 37  331 331 PHE PHE A . n 
A 1 38  THR 38  332 332 THR THR A . n 
A 1 39  ASN 39  333 333 ASN ASN A . n 
A 1 40  ARG 40  334 334 ARG ARG A . n 
A 1 41  ILE 41  335 335 ILE ILE A . n 
A 1 42  PRO 42  336 336 PRO PRO A . n 
A 1 43  SER 43  337 337 SER SER A . n 
A 1 44  LYS 44  338 338 LYS LYS A . n 
A 1 45  THR 45  339 339 THR THR A . n 
A 1 46  PRO 46  340 340 PRO PRO A . n 
A 1 47  GLU 47  341 341 GLU GLU A . n 
A 1 48  VAL 48  342 342 VAL VAL A . n 
A 1 49  TYR 49  343 343 TYR TYR A . n 
A 1 50  MET 50  344 344 MET MET A . n 
A 1 51  ARG 51  345 345 ARG ARG A . n 
A 1 52  TYR 52  346 346 TYR TYR A . n 
A 1 53  ARG 53  347 347 ARG ARG A . n 
A 1 54  ASN 54  348 348 ASN ASN A . n 
A 1 55  PHE 55  349 349 PHE PHE A . n 
A 1 56  MET 56  350 350 MET MET A . n 
A 1 57  VAL 57  351 351 VAL VAL A . n 
A 1 58  ASN 58  352 352 ASN ASN A . n 
A 1 59  SER 59  353 353 SER SER A . n 
A 1 60  TYR 60  354 354 TYR TYR A . n 
A 1 61  ARG 61  355 355 ARG ARG A . n 
A 1 62  LEU 62  356 356 LEU LEU A . n 
A 1 63  ASN 63  357 357 ASN ASN A . n 
A 1 64  PRO 64  358 358 PRO PRO A . n 
A 1 65  ASN 65  359 359 ASN ASN A . n 
A 1 66  GLU 66  360 360 GLU GLU A . n 
A 1 67  TYR 67  361 361 TYR TYR A . n 
A 1 68  PHE 68  362 362 PHE PHE A . n 
A 1 69  SER 69  363 363 SER SER A . n 
A 1 70  VAL 70  364 364 VAL VAL A . n 
A 1 71  THR 71  365 365 THR THR A . n 
A 1 72  THR 72  366 366 THR THR A . n 
A 1 73  ALA 73  367 367 ALA ALA A . n 
A 1 74  ARG 74  368 368 ARG ARG A . n 
A 1 75  ARG 75  369 369 ARG ARG A . n 
A 1 76  ASN 76  370 370 ASN ASN A . n 
A 1 77  VAL 77  371 371 VAL VAL A . n 
A 1 78  SER 78  372 372 SER SER A . n 
A 1 79  GLY 79  373 373 GLY GLY A . n 
A 1 80  ASP 80  374 374 ASP ASP A . n 
A 1 81  ALA 81  375 375 ALA ALA A . n 
A 1 82  ALA 82  376 376 ALA ALA A . n 
A 1 83  ALA 83  377 377 ALA ALA A . n 
A 1 84  LEU 84  378 378 LEU LEU A . n 
A 1 85  PHE 85  379 379 PHE PHE A . n 
A 1 86  ARG 86  380 380 ARG ARG A . n 
A 1 87  LEU 87  381 381 LEU LEU A . n 
A 1 88  HIS 88  382 382 HIS HIS A . n 
A 1 89  LYS 89  383 383 LYS LYS A . n 
A 1 90  PHE 90  384 384 PHE PHE A . n 
A 1 91  LEU 91  385 385 LEU LEU A . n 
A 1 92  THR 92  386 386 THR THR A . n 
A 1 93  LYS 93  387 387 LYS LYS A . n 
A 1 94  TRP 94  388 388 TRP TRP A . n 
A 1 95  GLY 95  389 389 GLY GLY A . n 
A 1 96  LEU 96  390 390 LEU LEU A . n 
A 1 97  ILE 97  391 391 ILE ILE A . n 
A 1 98  ASN 98  392 392 ASN ASN A . n 
A 1 99  TYR 99  393 393 TYR TYR A . n 
A 1 100 GLN 100 394 394 GLN GLN A . n 
A 1 101 VAL 101 395 395 VAL VAL A . n 
A 1 102 ASP 102 396 ?   ?   ?   A . n 
A 1 103 SER 103 397 ?   ?   ?   A . n 
A 1 104 LYS 104 398 ?   ?   ?   A . n 
# 
loop_
_pdbx_nonpoly_scheme.asym_id 
_pdbx_nonpoly_scheme.entity_id 
_pdbx_nonpoly_scheme.mon_id 
_pdbx_nonpoly_scheme.ndb_seq_num 
_pdbx_nonpoly_scheme.pdb_seq_num 
_pdbx_nonpoly_scheme.auth_seq_num 
_pdbx_nonpoly_scheme.pdb_mon_id 
_pdbx_nonpoly_scheme.auth_mon_id 
_pdbx_nonpoly_scheme.pdb_strand_id 
_pdbx_nonpoly_scheme.pdb_ins_code 
B 2 HOH 1   1   1   HOH TIP A . 
B 2 HOH 2   2   2   HOH TIP A . 
B 2 HOH 3   3   3   HOH TIP A . 
B 2 HOH 4   4   4   HOH TIP A . 
B 2 HOH 5   5   5   HOH TIP A . 
B 2 HOH 6   6   6   HOH TIP A . 
B 2 HOH 7   7   7   HOH TIP A . 
B 2 HOH 8   8   8   HOH TIP A . 
B 2 HOH 9   9   9   HOH TIP A . 
B 2 HOH 10  10  10  HOH TIP A . 
B 2 HOH 11  11  11  HOH TIP A . 
B 2 HOH 12  12  12  HOH TIP A . 
B 2 HOH 13  13  13  HOH TIP A . 
B 2 HOH 14  14  14  HOH TIP A . 
B 2 HOH 15  15  15  HOH TIP A . 
B 2 HOH 16  16  16  HOH TIP A . 
B 2 HOH 17  17  17  HOH TIP A . 
B 2 HOH 18  18  18  HOH TIP A . 
B 2 HOH 19  19  19  HOH TIP A . 
B 2 HOH 20  20  20  HOH TIP A . 
B 2 HOH 21  21  21  HOH TIP A . 
B 2 HOH 22  22  22  HOH TIP A . 
B 2 HOH 23  23  23  HOH TIP A . 
B 2 HOH 24  24  24  HOH TIP A . 
B 2 HOH 25  25  25  HOH TIP A . 
B 2 HOH 26  26  26  HOH TIP A . 
B 2 HOH 27  27  27  HOH TIP A . 
B 2 HOH 28  28  28  HOH TIP A . 
B 2 HOH 29  29  29  HOH TIP A . 
B 2 HOH 30  30  30  HOH TIP A . 
B 2 HOH 31  31  31  HOH TIP A . 
B 2 HOH 32  32  32  HOH TIP A . 
B 2 HOH 33  33  33  HOH TIP A . 
B 2 HOH 34  34  34  HOH TIP A . 
B 2 HOH 35  35  35  HOH TIP A . 
B 2 HOH 36  36  36  HOH TIP A . 
B 2 HOH 37  37  37  HOH TIP A . 
B 2 HOH 38  38  38  HOH TIP A . 
B 2 HOH 39  39  39  HOH TIP A . 
B 2 HOH 40  40  40  HOH TIP A . 
B 2 HOH 41  41  41  HOH TIP A . 
B 2 HOH 42  42  42  HOH TIP A . 
B 2 HOH 43  43  43  HOH TIP A . 
B 2 HOH 44  44  44  HOH TIP A . 
B 2 HOH 45  45  45  HOH TIP A . 
B 2 HOH 46  46  46  HOH TIP A . 
B 2 HOH 47  47  47  HOH TIP A . 
B 2 HOH 48  48  48  HOH TIP A . 
B 2 HOH 49  49  49  HOH TIP A . 
B 2 HOH 50  50  50  HOH TIP A . 
B 2 HOH 51  51  51  HOH TIP A . 
B 2 HOH 52  52  52  HOH TIP A . 
B 2 HOH 53  53  53  HOH TIP A . 
B 2 HOH 54  54  54  HOH TIP A . 
B 2 HOH 55  55  55  HOH TIP A . 
B 2 HOH 56  56  56  HOH TIP A . 
B 2 HOH 57  57  57  HOH TIP A . 
B 2 HOH 58  58  58  HOH TIP A . 
B 2 HOH 59  59  59  HOH TIP A . 
B 2 HOH 60  60  60  HOH TIP A . 
B 2 HOH 61  61  61  HOH TIP A . 
B 2 HOH 62  62  62  HOH TIP A . 
B 2 HOH 63  63  63  HOH TIP A . 
B 2 HOH 64  64  64  HOH TIP A . 
B 2 HOH 65  65  65  HOH TIP A . 
B 2 HOH 66  66  66  HOH TIP A . 
B 2 HOH 67  67  67  HOH TIP A . 
B 2 HOH 68  68  68  HOH TIP A . 
B 2 HOH 69  69  69  HOH TIP A . 
B 2 HOH 70  70  70  HOH TIP A . 
B 2 HOH 71  71  71  HOH TIP A . 
B 2 HOH 72  72  72  HOH TIP A . 
B 2 HOH 73  73  73  HOH TIP A . 
B 2 HOH 74  74  74  HOH TIP A . 
B 2 HOH 75  75  75  HOH TIP A . 
B 2 HOH 76  76  76  HOH TIP A . 
B 2 HOH 77  77  77  HOH TIP A . 
B 2 HOH 78  78  78  HOH TIP A . 
B 2 HOH 79  79  79  HOH TIP A . 
B 2 HOH 80  80  80  HOH TIP A . 
B 2 HOH 81  81  81  HOH TIP A . 
B 2 HOH 82  82  82  HOH TIP A . 
B 2 HOH 83  83  83  HOH TIP A . 
B 2 HOH 84  84  84  HOH TIP A . 
B 2 HOH 85  85  85  HOH TIP A . 
B 2 HOH 86  86  86  HOH TIP A . 
B 2 HOH 87  87  87  HOH TIP A . 
B 2 HOH 88  88  88  HOH TIP A . 
B 2 HOH 89  89  89  HOH TIP A . 
B 2 HOH 90  90  90  HOH TIP A . 
B 2 HOH 91  91  91  HOH TIP A . 
B 2 HOH 92  92  92  HOH TIP A . 
B 2 HOH 93  93  93  HOH TIP A . 
B 2 HOH 94  94  94  HOH TIP A . 
B 2 HOH 95  95  95  HOH TIP A . 
B 2 HOH 96  96  96  HOH TIP A . 
B 2 HOH 97  97  97  HOH TIP A . 
B 2 HOH 98  98  98  HOH TIP A . 
B 2 HOH 99  99  99  HOH TIP A . 
B 2 HOH 100 100 100 HOH TIP A . 
B 2 HOH 101 101 101 HOH TIP A . 
B 2 HOH 102 102 102 HOH TIP A . 
B 2 HOH 103 103 103 HOH TIP A . 
B 2 HOH 104 104 104 HOH TIP A . 
B 2 HOH 105 105 105 HOH TIP A . 
B 2 HOH 106 106 106 HOH TIP A . 
B 2 HOH 107 107 107 HOH TIP A . 
B 2 HOH 108 108 108 HOH TIP A . 
B 2 HOH 109 109 109 HOH TIP A . 
B 2 HOH 110 110 110 HOH TIP A . 
B 2 HOH 111 111 111 HOH TIP A . 
B 2 HOH 112 112 112 HOH TIP A . 
B 2 HOH 113 113 113 HOH TIP A . 
B 2 HOH 114 114 114 HOH TIP A . 
B 2 HOH 115 115 115 HOH TIP A . 
B 2 HOH 116 116 116 HOH TIP A . 
B 2 HOH 117 117 117 HOH TIP A . 
B 2 HOH 118 118 118 HOH TIP A . 
B 2 HOH 119 119 119 HOH TIP A . 
B 2 HOH 120 120 120 HOH TIP A . 
B 2 HOH 121 121 121 HOH TIP A . 
B 2 HOH 122 122 122 HOH TIP A . 
B 2 HOH 123 123 123 HOH TIP A . 
# 
loop_
_software.name 
_software.classification 
_software.version 
_software.citation_id 
_software.pdbx_ordinal 
HKL-2000 'data collection' .         ? 1 
SCALA    'data scaling'    .         ? 2 
SOLVE    phasing           .         ? 3 
CNS      refinement        1.1       ? 4 
HKL-2000 'data reduction'  .         ? 5 
CCP4     'data scaling'    '(SCALA)' ? 6 
# 
_cell.entry_id           2FQ3 
_cell.length_a           44.226 
_cell.length_b           44.309 
_cell.length_c           48.792 
_cell.angle_alpha        90.00 
_cell.angle_beta         90.00 
_cell.angle_gamma        90.00 
_cell.Z_PDB              4 
_cell.pdbx_unique_axis   ? 
_cell.length_a_esd       ? 
_cell.length_b_esd       ? 
_cell.length_c_esd       ? 
_cell.angle_alpha_esd    ? 
_cell.angle_beta_esd     ? 
_cell.angle_gamma_esd    ? 
# 
_symmetry.entry_id                         2FQ3 
_symmetry.space_group_name_H-M             'P 21 21 21' 
_symmetry.pdbx_full_space_group_name_H-M   ? 
_symmetry.cell_setting                     ? 
_symmetry.Int_Tables_number                19 
_symmetry.space_group_name_Hall            ? 
# 
_exptl.entry_id          2FQ3 
_exptl.method            'X-RAY DIFFRACTION' 
_exptl.crystals_number   1 
# 
_exptl_crystal.id                    1 
_exptl_crystal.density_meas          ? 
_exptl_crystal.density_Matthews      1.93 
_exptl_crystal.density_percent_sol   36.26 
_exptl_crystal.description           ? 
_exptl_crystal.F_000                 ? 
_exptl_crystal.preparation           ? 
# 
_exptl_crystal_grow.crystal_id      1 
_exptl_crystal_grow.method          'VAPOR DIFFUSION, HANGING DROP' 
_exptl_crystal_grow.temp            298 
_exptl_crystal_grow.temp_details    ? 
_exptl_crystal_grow.pH              8.5 
_exptl_crystal_grow.pdbx_details    '0.1 M Tris HCl (pH 8.5), 10% PEG 8000, VAPOR DIFFUSION, HANGING DROP, temperature 298K' 
_exptl_crystal_grow.pdbx_pH_range   . 
# 
_diffrn.id                     1 
_diffrn.ambient_temp           298 
_diffrn.ambient_temp_details   ? 
_diffrn.crystal_id             1 
# 
_diffrn_detector.diffrn_id              1 
_diffrn_detector.detector               CCD 
_diffrn_detector.type                   'ADSC QUANTUM 4' 
_diffrn_detector.pdbx_collection_date   2003-08-09 
_diffrn_detector.details                Mirrors 
# 
_diffrn_radiation.diffrn_id                        1 
_diffrn_radiation.wavelength_id                    1 
_diffrn_radiation.pdbx_monochromatic_or_laue_m_l   M 
_diffrn_radiation.monochromator                    'Double silicon crystal monochromator' 
_diffrn_radiation.pdbx_diffrn_protocol             MAD 
_diffrn_radiation.pdbx_scattering_type             x-ray 
# 
loop_
_diffrn_radiation_wavelength.id 
_diffrn_radiation_wavelength.wavelength 
_diffrn_radiation_wavelength.wt 
1 1.1    1.0 
2 0.9788 1.0 
3 0.9791 1.0 
4 0.9562 1.0 
# 
_diffrn_source.diffrn_id                   1 
_diffrn_source.source                      SYNCHROTRON 
_diffrn_source.type                        'NSLS BEAMLINE X25' 
_diffrn_source.pdbx_synchrotron_site       NSLS 
_diffrn_source.pdbx_synchrotron_beamline   X25 
_diffrn_source.pdbx_wavelength             ? 
_diffrn_source.pdbx_wavelength_list        '1.1, 0.9788, 0.9791, 0.9562' 
# 
_reflns.entry_id                     2FQ3 
_reflns.observed_criterion_sigma_I   ? 
_reflns.observed_criterion_sigma_F   ? 
_reflns.d_resolution_low             50 
_reflns.d_resolution_high            1.4 
_reflns.number_obs                   19520 
_reflns.number_all                   19472 
_reflns.percent_possible_obs         99.8 
_reflns.pdbx_Rmerge_I_obs            ? 
_reflns.pdbx_Rsym_value              ? 
_reflns.pdbx_netI_over_sigmaI        ? 
_reflns.B_iso_Wilson_estimate        ? 
_reflns.pdbx_redundancy              ? 
_reflns.R_free_details               ? 
_reflns.limit_h_max                  ? 
_reflns.limit_h_min                  ? 
_reflns.limit_k_max                  ? 
_reflns.limit_k_min                  ? 
_reflns.limit_l_max                  ? 
_reflns.limit_l_min                  ? 
_reflns.observed_criterion_F_max     ? 
_reflns.observed_criterion_F_min     ? 
_reflns.pdbx_chi_squared             ? 
_reflns.pdbx_scaling_rejects         ? 
_reflns.pdbx_diffrn_id               1 
_reflns.pdbx_ordinal                 1 
# 
_reflns_shell.d_res_high             1.4 
_reflns_shell.d_res_low              ? 
_reflns_shell.percent_possible_all   99.8 
_reflns_shell.Rmerge_I_obs           ? 
_reflns_shell.pdbx_Rsym_value        ? 
_reflns_shell.meanI_over_sigI_obs    ? 
_reflns_shell.pdbx_redundancy        ? 
_reflns_shell.percent_possible_obs   ? 
_reflns_shell.number_unique_all      ? 
_reflns_shell.number_measured_all    ? 
_reflns_shell.number_measured_obs    ? 
_reflns_shell.number_unique_obs      ? 
_reflns_shell.pdbx_chi_squared       ? 
_reflns_shell.pdbx_diffrn_id         ? 
_reflns_shell.pdbx_ordinal           1 
# 
_refine.entry_id                                 2FQ3 
_refine.ls_number_reflns_obs                     18980 
_refine.ls_number_reflns_all                     19472 
_refine.pdbx_ls_sigma_I                          ? 
_refine.pdbx_ls_sigma_F                          ? 
_refine.pdbx_data_cutoff_high_absF               ? 
_refine.pdbx_data_cutoff_low_absF                ? 
_refine.pdbx_data_cutoff_high_rms_absF           ? 
_refine.ls_d_res_low                             50 
_refine.ls_d_res_high                            1.4 
_refine.ls_percent_reflns_obs                    ? 
_refine.ls_R_factor_obs                          0.207 
_refine.ls_R_factor_all                          0.207 
_refine.ls_R_factor_R_work                       0.207 
_refine.ls_R_factor_R_free                       0.213 
_refine.ls_R_factor_R_free_error                 ? 
_refine.ls_R_factor_R_free_error_details         ? 
_refine.ls_percent_reflns_R_free                 ? 
_refine.ls_number_reflns_R_free                  1885 
_refine.ls_number_parameters                     ? 
_refine.ls_number_restraints                     ? 
_refine.occupancy_min                            ? 
_refine.occupancy_max                            ? 
_refine.correlation_coeff_Fo_to_Fc               ? 
_refine.correlation_coeff_Fo_to_Fc_free          ? 
_refine.B_iso_mean                               ? 
_refine.aniso_B[1][1]                            ? 
_refine.aniso_B[2][2]                            ? 
_refine.aniso_B[3][3]                            ? 
_refine.aniso_B[1][2]                            ? 
_refine.aniso_B[1][3]                            ? 
_refine.aniso_B[2][3]                            ? 
_refine.solvent_model_details                    ? 
_refine.solvent_model_param_ksol                 ? 
_refine.solvent_model_param_bsol                 ? 
_refine.pdbx_solvent_vdw_probe_radii             ? 
_refine.pdbx_solvent_ion_probe_radii             ? 
_refine.pdbx_solvent_shrinkage_radii             ? 
_refine.pdbx_ls_cross_valid_method               ? 
_refine.details                                  ? 
_refine.pdbx_starting_model                      ? 
_refine.pdbx_method_to_determine_struct          MAD 
_refine.pdbx_isotropic_thermal_model             ? 
_refine.pdbx_stereochemistry_target_values       ? 
_refine.pdbx_stereochem_target_val_spec_case     ? 
_refine.pdbx_R_Free_selection_details            ? 
_refine.pdbx_overall_ESU_R                       ? 
_refine.pdbx_overall_ESU_R_Free                  ? 
_refine.overall_SU_ML                            ? 
_refine.overall_SU_B                             ? 
_refine.ls_redundancy_reflns_obs                 ? 
_refine.B_iso_min                                ? 
_refine.B_iso_max                                ? 
_refine.overall_SU_R_Cruickshank_DPI             ? 
_refine.overall_SU_R_free                        ? 
_refine.ls_wR_factor_R_free                      ? 
_refine.ls_wR_factor_R_work                      ? 
_refine.overall_FOM_free_R_set                   ? 
_refine.overall_FOM_work_R_set                   ? 
_refine.pdbx_refine_id                           'X-RAY DIFFRACTION' 
_refine.pdbx_diffrn_id                           1 
_refine.pdbx_TLS_residual_ADP_flag               ? 
_refine.pdbx_overall_phase_error                 ? 
_refine.pdbx_overall_SU_R_free_Cruickshank_DPI   ? 
_refine.pdbx_overall_SU_R_Blow_DPI               ? 
_refine.pdbx_overall_SU_R_free_Blow_DPI          ? 
# 
_refine_hist.pdbx_refine_id                   'X-RAY DIFFRACTION' 
_refine_hist.cycle_id                         LAST 
_refine_hist.pdbx_number_atoms_protein        721 
_refine_hist.pdbx_number_atoms_nucleic_acid   0 
_refine_hist.pdbx_number_atoms_ligand         0 
_refine_hist.number_atoms_solvent             123 
_refine_hist.number_atoms_total               844 
_refine_hist.d_res_high                       1.4 
_refine_hist.d_res_low                        50 
# 
loop_
_refine_ls_restr.type 
_refine_ls_restr.dev_ideal 
_refine_ls_restr.dev_ideal_target 
_refine_ls_restr.weight 
_refine_ls_restr.number 
_refine_ls_restr.pdbx_refine_id 
_refine_ls_restr.pdbx_restraint_function 
c_bond_d    0.0047 ? ? ? 'X-RAY DIFFRACTION' ? 
c_angle_deg 1.04   ? ? ? 'X-RAY DIFFRACTION' ? 
# 
_struct.entry_id                  2FQ3 
_struct.title                     
'Structure and function of the SWIRM domain, a conserved protein module found in chromatin regulatory complexes' 
_struct.pdbx_model_details        ? 
_struct.pdbx_CASP_flag            ? 
_struct.pdbx_model_type_details   ? 
# 
_struct_keywords.entry_id        2FQ3 
_struct_keywords.pdbx_keywords   TRANSCRIPTION 
_struct_keywords.text            'four-helix bundle, TRANSCRIPTION' 
# 
loop_
_struct_asym.id 
_struct_asym.pdbx_blank_PDB_chainid_flag 
_struct_asym.pdbx_modified 
_struct_asym.entity_id 
_struct_asym.details 
A N N 1 ? 
B N N 2 ? 
# 
_struct_ref.id                         1 
_struct_ref.db_name                    UNP 
_struct_ref.db_code                    SWI3_YEAST 
_struct_ref.pdbx_db_accession          P32591 
_struct_ref.entity_id                  1 
_struct_ref.pdbx_seq_one_letter_code   
;SYSKWFNLEKIHSIEVQSLPEFFTNRIPSKTPEVYMRYRNFMVNSYRLNPNEYFSVTTARRNVSGDAAALFRLHKFLTKW
GLINYQVDSK
;
_struct_ref.pdbx_align_begin           309 
_struct_ref.pdbx_db_isoform            ? 
# 
_struct_ref_seq.align_id                      1 
_struct_ref_seq.ref_id                        1 
_struct_ref_seq.pdbx_PDB_id_code              2FQ3 
_struct_ref_seq.pdbx_strand_id                A 
_struct_ref_seq.seq_align_beg                 15 
_struct_ref_seq.pdbx_seq_align_beg_ins_code   ? 
_struct_ref_seq.seq_align_end                 104 
_struct_ref_seq.pdbx_seq_align_end_ins_code   ? 
_struct_ref_seq.pdbx_db_accession             P32591 
_struct_ref_seq.db_align_beg                  309 
_struct_ref_seq.pdbx_db_align_beg_ins_code    ? 
_struct_ref_seq.db_align_end                  398 
_struct_ref_seq.pdbx_db_align_end_ins_code    ? 
_struct_ref_seq.pdbx_auth_seq_align_beg       309 
_struct_ref_seq.pdbx_auth_seq_align_end       398 
# 
loop_
_struct_ref_seq_dif.align_id 
_struct_ref_seq_dif.pdbx_pdb_id_code 
_struct_ref_seq_dif.mon_id 
_struct_ref_seq_dif.pdbx_pdb_strand_id 
_struct_ref_seq_dif.seq_num 
_struct_ref_seq_dif.pdbx_pdb_ins_code 
_struct_ref_seq_dif.pdbx_seq_db_name 
_struct_ref_seq_dif.pdbx_seq_db_accession_code 
_struct_ref_seq_dif.db_mon_id 
_struct_ref_seq_dif.pdbx_seq_db_seq_num 
_struct_ref_seq_dif.details 
_struct_ref_seq_dif.pdbx_auth_seq_num 
_struct_ref_seq_dif.pdbx_ordinal 
1 2FQ3 MET A 1  ? UNP P32591 ? ? 'cloning artifact' 295 1  
1 2FQ3 ARG A 2  ? UNP P32591 ? ? 'cloning artifact' 296 2  
1 2FQ3 GLY A 3  ? UNP P32591 ? ? 'cloning artifact' 297 3  
1 2FQ3 SER A 4  ? UNP P32591 ? ? 'cloning artifact' 298 4  
1 2FQ3 HIS A 5  ? UNP P32591 ? ? 'expression tag'   299 5  
1 2FQ3 HIS A 6  ? UNP P32591 ? ? 'expression tag'   300 6  
1 2FQ3 HIS A 7  ? UNP P32591 ? ? 'expression tag'   301 7  
1 2FQ3 HIS A 8  ? UNP P32591 ? ? 'expression tag'   302 8  
1 2FQ3 HIS A 9  ? UNP P32591 ? ? 'expression tag'   303 9  
1 2FQ3 HIS A 10 ? UNP P32591 ? ? 'expression tag'   304 10 
1 2FQ3 GLY A 11 ? UNP P32591 ? ? 'cloning artifact' 305 11 
1 2FQ3 MET A 12 ? UNP P32591 ? ? 'cloning artifact' 306 12 
1 2FQ3 ALA A 13 ? UNP P32591 ? ? 'cloning artifact' 307 13 
1 2FQ3 SER A 14 ? UNP P32591 ? ? 'cloning artifact' 308 14 
# 
_pdbx_struct_assembly.id                   1 
_pdbx_struct_assembly.details              author_defined_assembly 
_pdbx_struct_assembly.method_details       ? 
_pdbx_struct_assembly.oligomeric_details   monomeric 
_pdbx_struct_assembly.oligomeric_count     1 
# 
_pdbx_struct_assembly_gen.assembly_id       1 
_pdbx_struct_assembly_gen.oper_expression   1 
_pdbx_struct_assembly_gen.asym_id_list      A,B 
# 
_pdbx_struct_oper_list.id                   1 
_pdbx_struct_oper_list.type                 'identity operation' 
_pdbx_struct_oper_list.name                 1_555 
_pdbx_struct_oper_list.symmetry_operation   x,y,z 
_pdbx_struct_oper_list.matrix[1][1]         1.0000000000 
_pdbx_struct_oper_list.matrix[1][2]         0.0000000000 
_pdbx_struct_oper_list.matrix[1][3]         0.0000000000 
_pdbx_struct_oper_list.vector[1]            0.0000000000 
_pdbx_struct_oper_list.matrix[2][1]         0.0000000000 
_pdbx_struct_oper_list.matrix[2][2]         1.0000000000 
_pdbx_struct_oper_list.matrix[2][3]         0.0000000000 
_pdbx_struct_oper_list.vector[2]            0.0000000000 
_pdbx_struct_oper_list.matrix[3][1]         0.0000000000 
_pdbx_struct_oper_list.matrix[3][2]         0.0000000000 
_pdbx_struct_oper_list.matrix[3][3]         1.0000000000 
_pdbx_struct_oper_list.vector[3]            0.0000000000 
# 
loop_
_struct_conf.conf_type_id 
_struct_conf.id 
_struct_conf.pdbx_PDB_helix_id 
_struct_conf.beg_label_comp_id 
_struct_conf.beg_label_asym_id 
_struct_conf.beg_label_seq_id 
_struct_conf.pdbx_beg_PDB_ins_code 
_struct_conf.end_label_comp_id 
_struct_conf.end_label_asym_id 
_struct_conf.end_label_seq_id 
_struct_conf.pdbx_end_PDB_ins_code 
_struct_conf.beg_auth_comp_id 
_struct_conf.beg_auth_asym_id 
_struct_conf.beg_auth_seq_id 
_struct_conf.end_auth_comp_id 
_struct_conf.end_auth_asym_id 
_struct_conf.end_auth_seq_id 
_struct_conf.pdbx_PDB_helix_class 
_struct_conf.details 
_struct_conf.pdbx_PDB_helix_length 
HELX_P HELX_P1 1 HIS A 26 ? LEU A 33 ? HIS A 320 LEU A 327 1 ? 8  
HELX_P HELX_P2 2 PRO A 34 ? PHE A 37 ? PRO A 328 PHE A 331 5 ? 4  
HELX_P HELX_P3 3 THR A 45 ? ASN A 63 ? THR A 339 ASN A 357 1 ? 19 
HELX_P HELX_P4 4 SER A 69 ? VAL A 77 ? SER A 363 VAL A 371 1 ? 9  
HELX_P HELX_P5 5 ASP A 80 ? TRP A 94 ? ASP A 374 TRP A 388 1 ? 15 
# 
_struct_conf_type.id          HELX_P 
_struct_conf_type.criteria    ? 
_struct_conf_type.reference   ? 
# 
_pdbx_validate_torsion.id              1 
_pdbx_validate_torsion.PDB_model_num   1 
_pdbx_validate_torsion.auth_comp_id    GLN 
_pdbx_validate_torsion.auth_asym_id    A 
_pdbx_validate_torsion.auth_seq_id     394 
_pdbx_validate_torsion.PDB_ins_code    ? 
_pdbx_validate_torsion.label_alt_id    ? 
_pdbx_validate_torsion.phi             -144.36 
_pdbx_validate_torsion.psi             28.82 
# 
loop_
_pdbx_unobs_or_zero_occ_residues.id 
_pdbx_unobs_or_zero_occ_residues.PDB_model_num 
_pdbx_unobs_or_zero_occ_residues.polymer_flag 
_pdbx_unobs_or_zero_occ_residues.occupancy_flag 
_pdbx_unobs_or_zero_occ_residues.auth_asym_id 
_pdbx_unobs_or_zero_occ_residues.auth_comp_id 
_pdbx_unobs_or_zero_occ_residues.auth_seq_id 
_pdbx_unobs_or_zero_occ_residues.PDB_ins_code 
_pdbx_unobs_or_zero_occ_residues.label_asym_id 
_pdbx_unobs_or_zero_occ_residues.label_comp_id 
_pdbx_unobs_or_zero_occ_residues.label_seq_id 
1  1 Y 1 A MET 295 ? A MET 1   
2  1 Y 1 A ARG 296 ? A ARG 2   
3  1 Y 1 A GLY 297 ? A GLY 3   
4  1 Y 1 A SER 298 ? A SER 4   
5  1 Y 1 A HIS 299 ? A HIS 5   
6  1 Y 1 A HIS 300 ? A HIS 6   
7  1 Y 1 A HIS 301 ? A HIS 7   
8  1 Y 1 A HIS 302 ? A HIS 8   
9  1 Y 1 A HIS 303 ? A HIS 9   
10 1 Y 1 A HIS 304 ? A HIS 10  
11 1 Y 1 A GLY 305 ? A GLY 11  
12 1 Y 1 A MET 306 ? A MET 12  
13 1 Y 1 A ALA 307 ? A ALA 13  
14 1 Y 1 A SER 308 ? A SER 14  
15 1 Y 1 A SER 309 ? A SER 15  
16 1 Y 1 A TYR 310 ? A TYR 16  
17 1 Y 1 A ASP 396 ? A ASP 102 
18 1 Y 1 A SER 397 ? A SER 103 
19 1 Y 1 A LYS 398 ? A LYS 104 
# 
loop_
_chem_comp_atom.comp_id 
_chem_comp_atom.atom_id 
_chem_comp_atom.type_symbol 
_chem_comp_atom.pdbx_aromatic_flag 
_chem_comp_atom.pdbx_stereo_config 
_chem_comp_atom.pdbx_ordinal 
ALA N    N N N 1   
ALA CA   C N S 2   
ALA C    C N N 3   
ALA O    O N N 4   
ALA CB   C N N 5   
ALA OXT  O N N 6   
ALA H    H N N 7   
ALA H2   H N N 8   
ALA HA   H N N 9   
ALA HB1  H N N 10  
ALA HB2  H N N 11  
ALA HB3  H N N 12  
ALA HXT  H N N 13  
ARG N    N N N 14  
ARG CA   C N S 15  
ARG C    C N N 16  
ARG O    O N N 17  
ARG CB   C N N 18  
ARG CG   C N N 19  
ARG CD   C N N 20  
ARG NE   N N N 21  
ARG CZ   C N N 22  
ARG NH1  N N N 23  
ARG NH2  N N N 24  
ARG OXT  O N N 25  
ARG H    H N N 26  
ARG H2   H N N 27  
ARG HA   H N N 28  
ARG HB2  H N N 29  
ARG HB3  H N N 30  
ARG HG2  H N N 31  
ARG HG3  H N N 32  
ARG HD2  H N N 33  
ARG HD3  H N N 34  
ARG HE   H N N 35  
ARG HH11 H N N 36  
ARG HH12 H N N 37  
ARG HH21 H N N 38  
ARG HH22 H N N 39  
ARG HXT  H N N 40  
ASN N    N N N 41  
ASN CA   C N S 42  
ASN C    C N N 43  
ASN O    O N N 44  
ASN CB   C N N 45  
ASN CG   C N N 46  
ASN OD1  O N N 47  
ASN ND2  N N N 48  
ASN OXT  O N N 49  
ASN H    H N N 50  
ASN H2   H N N 51  
ASN HA   H N N 52  
ASN HB2  H N N 53  
ASN HB3  H N N 54  
ASN HD21 H N N 55  
ASN HD22 H N N 56  
ASN HXT  H N N 57  
ASP N    N N N 58  
ASP CA   C N S 59  
ASP C    C N N 60  
ASP O    O N N 61  
ASP CB   C N N 62  
ASP CG   C N N 63  
ASP OD1  O N N 64  
ASP OD2  O N N 65  
ASP OXT  O N N 66  
ASP H    H N N 67  
ASP H2   H N N 68  
ASP HA   H N N 69  
ASP HB2  H N N 70  
ASP HB3  H N N 71  
ASP HD2  H N N 72  
ASP HXT  H N N 73  
GLN N    N N N 74  
GLN CA   C N S 75  
GLN C    C N N 76  
GLN O    O N N 77  
GLN CB   C N N 78  
GLN CG   C N N 79  
GLN CD   C N N 80  
GLN OE1  O N N 81  
GLN NE2  N N N 82  
GLN OXT  O N N 83  
GLN H    H N N 84  
GLN H2   H N N 85  
GLN HA   H N N 86  
GLN HB2  H N N 87  
GLN HB3  H N N 88  
GLN HG2  H N N 89  
GLN HG3  H N N 90  
GLN HE21 H N N 91  
GLN HE22 H N N 92  
GLN HXT  H N N 93  
GLU N    N N N 94  
GLU CA   C N S 95  
GLU C    C N N 96  
GLU O    O N N 97  
GLU CB   C N N 98  
GLU CG   C N N 99  
GLU CD   C N N 100 
GLU OE1  O N N 101 
GLU OE2  O N N 102 
GLU OXT  O N N 103 
GLU H    H N N 104 
GLU H2   H N N 105 
GLU HA   H N N 106 
GLU HB2  H N N 107 
GLU HB3  H N N 108 
GLU HG2  H N N 109 
GLU HG3  H N N 110 
GLU HE2  H N N 111 
GLU HXT  H N N 112 
GLY N    N N N 113 
GLY CA   C N N 114 
GLY C    C N N 115 
GLY O    O N N 116 
GLY OXT  O N N 117 
GLY H    H N N 118 
GLY H2   H N N 119 
GLY HA2  H N N 120 
GLY HA3  H N N 121 
GLY HXT  H N N 122 
HIS N    N N N 123 
HIS CA   C N S 124 
HIS C    C N N 125 
HIS O    O N N 126 
HIS CB   C N N 127 
HIS CG   C Y N 128 
HIS ND1  N Y N 129 
HIS CD2  C Y N 130 
HIS CE1  C Y N 131 
HIS NE2  N Y N 132 
HIS OXT  O N N 133 
HIS H    H N N 134 
HIS H2   H N N 135 
HIS HA   H N N 136 
HIS HB2  H N N 137 
HIS HB3  H N N 138 
HIS HD1  H N N 139 
HIS HD2  H N N 140 
HIS HE1  H N N 141 
HIS HE2  H N N 142 
HIS HXT  H N N 143 
HOH O    O N N 144 
HOH H1   H N N 145 
HOH H2   H N N 146 
ILE N    N N N 147 
ILE CA   C N S 148 
ILE C    C N N 149 
ILE O    O N N 150 
ILE CB   C N S 151 
ILE CG1  C N N 152 
ILE CG2  C N N 153 
ILE CD1  C N N 154 
ILE OXT  O N N 155 
ILE H    H N N 156 
ILE H2   H N N 157 
ILE HA   H N N 158 
ILE HB   H N N 159 
ILE HG12 H N N 160 
ILE HG13 H N N 161 
ILE HG21 H N N 162 
ILE HG22 H N N 163 
ILE HG23 H N N 164 
ILE HD11 H N N 165 
ILE HD12 H N N 166 
ILE HD13 H N N 167 
ILE HXT  H N N 168 
LEU N    N N N 169 
LEU CA   C N S 170 
LEU C    C N N 171 
LEU O    O N N 172 
LEU CB   C N N 173 
LEU CG   C N N 174 
LEU CD1  C N N 175 
LEU CD2  C N N 176 
LEU OXT  O N N 177 
LEU H    H N N 178 
LEU H2   H N N 179 
LEU HA   H N N 180 
LEU HB2  H N N 181 
LEU HB3  H N N 182 
LEU HG   H N N 183 
LEU HD11 H N N 184 
LEU HD12 H N N 185 
LEU HD13 H N N 186 
LEU HD21 H N N 187 
LEU HD22 H N N 188 
LEU HD23 H N N 189 
LEU HXT  H N N 190 
LYS N    N N N 191 
LYS CA   C N S 192 
LYS C    C N N 193 
LYS O    O N N 194 
LYS CB   C N N 195 
LYS CG   C N N 196 
LYS CD   C N N 197 
LYS CE   C N N 198 
LYS NZ   N N N 199 
LYS OXT  O N N 200 
LYS H    H N N 201 
LYS H2   H N N 202 
LYS HA   H N N 203 
LYS HB2  H N N 204 
LYS HB3  H N N 205 
LYS HG2  H N N 206 
LYS HG3  H N N 207 
LYS HD2  H N N 208 
LYS HD3  H N N 209 
LYS HE2  H N N 210 
LYS HE3  H N N 211 
LYS HZ1  H N N 212 
LYS HZ2  H N N 213 
LYS HZ3  H N N 214 
LYS HXT  H N N 215 
MET N    N N N 216 
MET CA   C N S 217 
MET C    C N N 218 
MET O    O N N 219 
MET CB   C N N 220 
MET CG   C N N 221 
MET SD   S N N 222 
MET CE   C N N 223 
MET OXT  O N N 224 
MET H    H N N 225 
MET H2   H N N 226 
MET HA   H N N 227 
MET HB2  H N N 228 
MET HB3  H N N 229 
MET HG2  H N N 230 
MET HG3  H N N 231 
MET HE1  H N N 232 
MET HE2  H N N 233 
MET HE3  H N N 234 
MET HXT  H N N 235 
PHE N    N N N 236 
PHE CA   C N S 237 
PHE C    C N N 238 
PHE O    O N N 239 
PHE CB   C N N 240 
PHE CG   C Y N 241 
PHE CD1  C Y N 242 
PHE CD2  C Y N 243 
PHE CE1  C Y N 244 
PHE CE2  C Y N 245 
PHE CZ   C Y N 246 
PHE OXT  O N N 247 
PHE H    H N N 248 
PHE H2   H N N 249 
PHE HA   H N N 250 
PHE HB2  H N N 251 
PHE HB3  H N N 252 
PHE HD1  H N N 253 
PHE HD2  H N N 254 
PHE HE1  H N N 255 
PHE HE2  H N N 256 
PHE HZ   H N N 257 
PHE HXT  H N N 258 
PRO N    N N N 259 
PRO CA   C N S 260 
PRO C    C N N 261 
PRO O    O N N 262 
PRO CB   C N N 263 
PRO CG   C N N 264 
PRO CD   C N N 265 
PRO OXT  O N N 266 
PRO H    H N N 267 
PRO HA   H N N 268 
PRO HB2  H N N 269 
PRO HB3  H N N 270 
PRO HG2  H N N 271 
PRO HG3  H N N 272 
PRO HD2  H N N 273 
PRO HD3  H N N 274 
PRO HXT  H N N 275 
SER N    N N N 276 
SER CA   C N S 277 
SER C    C N N 278 
SER O    O N N 279 
SER CB   C N N 280 
SER OG   O N N 281 
SER OXT  O N N 282 
SER H    H N N 283 
SER H2   H N N 284 
SER HA   H N N 285 
SER HB2  H N N 286 
SER HB3  H N N 287 
SER HG   H N N 288 
SER HXT  H N N 289 
THR N    N N N 290 
THR CA   C N S 291 
THR C    C N N 292 
THR O    O N N 293 
THR CB   C N R 294 
THR OG1  O N N 295 
THR CG2  C N N 296 
THR OXT  O N N 297 
THR H    H N N 298 
THR H2   H N N 299 
THR HA   H N N 300 
THR HB   H N N 301 
THR HG1  H N N 302 
THR HG21 H N N 303 
THR HG22 H N N 304 
THR HG23 H N N 305 
THR HXT  H N N 306 
TRP N    N N N 307 
TRP CA   C N S 308 
TRP C    C N N 309 
TRP O    O N N 310 
TRP CB   C N N 311 
TRP CG   C Y N 312 
TRP CD1  C Y N 313 
TRP CD2  C Y N 314 
TRP NE1  N Y N 315 
TRP CE2  C Y N 316 
TRP CE3  C Y N 317 
TRP CZ2  C Y N 318 
TRP CZ3  C Y N 319 
TRP CH2  C Y N 320 
TRP OXT  O N N 321 
TRP H    H N N 322 
TRP H2   H N N 323 
TRP HA   H N N 324 
TRP HB2  H N N 325 
TRP HB3  H N N 326 
TRP HD1  H N N 327 
TRP HE1  H N N 328 
TRP HE3  H N N 329 
TRP HZ2  H N N 330 
TRP HZ3  H N N 331 
TRP HH2  H N N 332 
TRP HXT  H N N 333 
TYR N    N N N 334 
TYR CA   C N S 335 
TYR C    C N N 336 
TYR O    O N N 337 
TYR CB   C N N 338 
TYR CG   C Y N 339 
TYR CD1  C Y N 340 
TYR CD2  C Y N 341 
TYR CE1  C Y N 342 
TYR CE2  C Y N 343 
TYR CZ   C Y N 344 
TYR OH   O N N 345 
TYR OXT  O N N 346 
TYR H    H N N 347 
TYR H2   H N N 348 
TYR HA   H N N 349 
TYR HB2  H N N 350 
TYR HB3  H N N 351 
TYR HD1  H N N 352 
TYR HD2  H N N 353 
TYR HE1  H N N 354 
TYR HE2  H N N 355 
TYR HH   H N N 356 
TYR HXT  H N N 357 
VAL N    N N N 358 
VAL CA   C N S 359 
VAL C    C N N 360 
VAL O    O N N 361 
VAL CB   C N N 362 
VAL CG1  C N N 363 
VAL CG2  C N N 364 
VAL OXT  O N N 365 
VAL H    H N N 366 
VAL H2   H N N 367 
VAL HA   H N N 368 
VAL HB   H N N 369 
VAL HG11 H N N 370 
VAL HG12 H N N 371 
VAL HG13 H N N 372 
VAL HG21 H N N 373 
VAL HG22 H N N 374 
VAL HG23 H N N 375 
VAL HXT  H N N 376 
# 
loop_
_chem_comp_bond.comp_id 
_chem_comp_bond.atom_id_1 
_chem_comp_bond.atom_id_2 
_chem_comp_bond.value_order 
_chem_comp_bond.pdbx_aromatic_flag 
_chem_comp_bond.pdbx_stereo_config 
_chem_comp_bond.pdbx_ordinal 
ALA N   CA   sing N N 1   
ALA N   H    sing N N 2   
ALA N   H2   sing N N 3   
ALA CA  C    sing N N 4   
ALA CA  CB   sing N N 5   
ALA CA  HA   sing N N 6   
ALA C   O    doub N N 7   
ALA C   OXT  sing N N 8   
ALA CB  HB1  sing N N 9   
ALA CB  HB2  sing N N 10  
ALA CB  HB3  sing N N 11  
ALA OXT HXT  sing N N 12  
ARG N   CA   sing N N 13  
ARG N   H    sing N N 14  
ARG N   H2   sing N N 15  
ARG CA  C    sing N N 16  
ARG CA  CB   sing N N 17  
ARG CA  HA   sing N N 18  
ARG C   O    doub N N 19  
ARG C   OXT  sing N N 20  
ARG CB  CG   sing N N 21  
ARG CB  HB2  sing N N 22  
ARG CB  HB3  sing N N 23  
ARG CG  CD   sing N N 24  
ARG CG  HG2  sing N N 25  
ARG CG  HG3  sing N N 26  
ARG CD  NE   sing N N 27  
ARG CD  HD2  sing N N 28  
ARG CD  HD3  sing N N 29  
ARG NE  CZ   sing N N 30  
ARG NE  HE   sing N N 31  
ARG CZ  NH1  sing N N 32  
ARG CZ  NH2  doub N N 33  
ARG NH1 HH11 sing N N 34  
ARG NH1 HH12 sing N N 35  
ARG NH2 HH21 sing N N 36  
ARG NH2 HH22 sing N N 37  
ARG OXT HXT  sing N N 38  
ASN N   CA   sing N N 39  
ASN N   H    sing N N 40  
ASN N   H2   sing N N 41  
ASN CA  C    sing N N 42  
ASN CA  CB   sing N N 43  
ASN CA  HA   sing N N 44  
ASN C   O    doub N N 45  
ASN C   OXT  sing N N 46  
ASN CB  CG   sing N N 47  
ASN CB  HB2  sing N N 48  
ASN CB  HB3  sing N N 49  
ASN CG  OD1  doub N N 50  
ASN CG  ND2  sing N N 51  
ASN ND2 HD21 sing N N 52  
ASN ND2 HD22 sing N N 53  
ASN OXT HXT  sing N N 54  
ASP N   CA   sing N N 55  
ASP N   H    sing N N 56  
ASP N   H2   sing N N 57  
ASP CA  C    sing N N 58  
ASP CA  CB   sing N N 59  
ASP CA  HA   sing N N 60  
ASP C   O    doub N N 61  
ASP C   OXT  sing N N 62  
ASP CB  CG   sing N N 63  
ASP CB  HB2  sing N N 64  
ASP CB  HB3  sing N N 65  
ASP CG  OD1  doub N N 66  
ASP CG  OD2  sing N N 67  
ASP OD2 HD2  sing N N 68  
ASP OXT HXT  sing N N 69  
GLN N   CA   sing N N 70  
GLN N   H    sing N N 71  
GLN N   H2   sing N N 72  
GLN CA  C    sing N N 73  
GLN CA  CB   sing N N 74  
GLN CA  HA   sing N N 75  
GLN C   O    doub N N 76  
GLN C   OXT  sing N N 77  
GLN CB  CG   sing N N 78  
GLN CB  HB2  sing N N 79  
GLN CB  HB3  sing N N 80  
GLN CG  CD   sing N N 81  
GLN CG  HG2  sing N N 82  
GLN CG  HG3  sing N N 83  
GLN CD  OE1  doub N N 84  
GLN CD  NE2  sing N N 85  
GLN NE2 HE21 sing N N 86  
GLN NE2 HE22 sing N N 87  
GLN OXT HXT  sing N N 88  
GLU N   CA   sing N N 89  
GLU N   H    sing N N 90  
GLU N   H2   sing N N 91  
GLU CA  C    sing N N 92  
GLU CA  CB   sing N N 93  
GLU CA  HA   sing N N 94  
GLU C   O    doub N N 95  
GLU C   OXT  sing N N 96  
GLU CB  CG   sing N N 97  
GLU CB  HB2  sing N N 98  
GLU CB  HB3  sing N N 99  
GLU CG  CD   sing N N 100 
GLU CG  HG2  sing N N 101 
GLU CG  HG3  sing N N 102 
GLU CD  OE1  doub N N 103 
GLU CD  OE2  sing N N 104 
GLU OE2 HE2  sing N N 105 
GLU OXT HXT  sing N N 106 
GLY N   CA   sing N N 107 
GLY N   H    sing N N 108 
GLY N   H2   sing N N 109 
GLY CA  C    sing N N 110 
GLY CA  HA2  sing N N 111 
GLY CA  HA3  sing N N 112 
GLY C   O    doub N N 113 
GLY C   OXT  sing N N 114 
GLY OXT HXT  sing N N 115 
HIS N   CA   sing N N 116 
HIS N   H    sing N N 117 
HIS N   H2   sing N N 118 
HIS CA  C    sing N N 119 
HIS CA  CB   sing N N 120 
HIS CA  HA   sing N N 121 
HIS C   O    doub N N 122 
HIS C   OXT  sing N N 123 
HIS CB  CG   sing N N 124 
HIS CB  HB2  sing N N 125 
HIS CB  HB3  sing N N 126 
HIS CG  ND1  sing Y N 127 
HIS CG  CD2  doub Y N 128 
HIS ND1 CE1  doub Y N 129 
HIS ND1 HD1  sing N N 130 
HIS CD2 NE2  sing Y N 131 
HIS CD2 HD2  sing N N 132 
HIS CE1 NE2  sing Y N 133 
HIS CE1 HE1  sing N N 134 
HIS NE2 HE2  sing N N 135 
HIS OXT HXT  sing N N 136 
HOH O   H1   sing N N 137 
HOH O   H2   sing N N 138 
ILE N   CA   sing N N 139 
ILE N   H    sing N N 140 
ILE N   H2   sing N N 141 
ILE CA  C    sing N N 142 
ILE CA  CB   sing N N 143 
ILE CA  HA   sing N N 144 
ILE C   O    doub N N 145 
ILE C   OXT  sing N N 146 
ILE CB  CG1  sing N N 147 
ILE CB  CG2  sing N N 148 
ILE CB  HB   sing N N 149 
ILE CG1 CD1  sing N N 150 
ILE CG1 HG12 sing N N 151 
ILE CG1 HG13 sing N N 152 
ILE CG2 HG21 sing N N 153 
ILE CG2 HG22 sing N N 154 
ILE CG2 HG23 sing N N 155 
ILE CD1 HD11 sing N N 156 
ILE CD1 HD12 sing N N 157 
ILE CD1 HD13 sing N N 158 
ILE OXT HXT  sing N N 159 
LEU N   CA   sing N N 160 
LEU N   H    sing N N 161 
LEU N   H2   sing N N 162 
LEU CA  C    sing N N 163 
LEU CA  CB   sing N N 164 
LEU CA  HA   sing N N 165 
LEU C   O    doub N N 166 
LEU C   OXT  sing N N 167 
LEU CB  CG   sing N N 168 
LEU CB  HB2  sing N N 169 
LEU CB  HB3  sing N N 170 
LEU CG  CD1  sing N N 171 
LEU CG  CD2  sing N N 172 
LEU CG  HG   sing N N 173 
LEU CD1 HD11 sing N N 174 
LEU CD1 HD12 sing N N 175 
LEU CD1 HD13 sing N N 176 
LEU CD2 HD21 sing N N 177 
LEU CD2 HD22 sing N N 178 
LEU CD2 HD23 sing N N 179 
LEU OXT HXT  sing N N 180 
LYS N   CA   sing N N 181 
LYS N   H    sing N N 182 
LYS N   H2   sing N N 183 
LYS CA  C    sing N N 184 
LYS CA  CB   sing N N 185 
LYS CA  HA   sing N N 186 
LYS C   O    doub N N 187 
LYS C   OXT  sing N N 188 
LYS CB  CG   sing N N 189 
LYS CB  HB2  sing N N 190 
LYS CB  HB3  sing N N 191 
LYS CG  CD   sing N N 192 
LYS CG  HG2  sing N N 193 
LYS CG  HG3  sing N N 194 
LYS CD  CE   sing N N 195 
LYS CD  HD2  sing N N 196 
LYS CD  HD3  sing N N 197 
LYS CE  NZ   sing N N 198 
LYS CE  HE2  sing N N 199 
LYS CE  HE3  sing N N 200 
LYS NZ  HZ1  sing N N 201 
LYS NZ  HZ2  sing N N 202 
LYS NZ  HZ3  sing N N 203 
LYS OXT HXT  sing N N 204 
MET N   CA   sing N N 205 
MET N   H    sing N N 206 
MET N   H2   sing N N 207 
MET CA  C    sing N N 208 
MET CA  CB   sing N N 209 
MET CA  HA   sing N N 210 
MET C   O    doub N N 211 
MET C   OXT  sing N N 212 
MET CB  CG   sing N N 213 
MET CB  HB2  sing N N 214 
MET CB  HB3  sing N N 215 
MET CG  SD   sing N N 216 
MET CG  HG2  sing N N 217 
MET CG  HG3  sing N N 218 
MET SD  CE   sing N N 219 
MET CE  HE1  sing N N 220 
MET CE  HE2  sing N N 221 
MET CE  HE3  sing N N 222 
MET OXT HXT  sing N N 223 
PHE N   CA   sing N N 224 
PHE N   H    sing N N 225 
PHE N   H2   sing N N 226 
PHE CA  C    sing N N 227 
PHE CA  CB   sing N N 228 
PHE CA  HA   sing N N 229 
PHE C   O    doub N N 230 
PHE C   OXT  sing N N 231 
PHE CB  CG   sing N N 232 
PHE CB  HB2  sing N N 233 
PHE CB  HB3  sing N N 234 
PHE CG  CD1  doub Y N 235 
PHE CG  CD2  sing Y N 236 
PHE CD1 CE1  sing Y N 237 
PHE CD1 HD1  sing N N 238 
PHE CD2 CE2  doub Y N 239 
PHE CD2 HD2  sing N N 240 
PHE CE1 CZ   doub Y N 241 
PHE CE1 HE1  sing N N 242 
PHE CE2 CZ   sing Y N 243 
PHE CE2 HE2  sing N N 244 
PHE CZ  HZ   sing N N 245 
PHE OXT HXT  sing N N 246 
PRO N   CA   sing N N 247 
PRO N   CD   sing N N 248 
PRO N   H    sing N N 249 
PRO CA  C    sing N N 250 
PRO CA  CB   sing N N 251 
PRO CA  HA   sing N N 252 
PRO C   O    doub N N 253 
PRO C   OXT  sing N N 254 
PRO CB  CG   sing N N 255 
PRO CB  HB2  sing N N 256 
PRO CB  HB3  sing N N 257 
PRO CG  CD   sing N N 258 
PRO CG  HG2  sing N N 259 
PRO CG  HG3  sing N N 260 
PRO CD  HD2  sing N N 261 
PRO CD  HD3  sing N N 262 
PRO OXT HXT  sing N N 263 
SER N   CA   sing N N 264 
SER N   H    sing N N 265 
SER N   H2   sing N N 266 
SER CA  C    sing N N 267 
SER CA  CB   sing N N 268 
SER CA  HA   sing N N 269 
SER C   O    doub N N 270 
SER C   OXT  sing N N 271 
SER CB  OG   sing N N 272 
SER CB  HB2  sing N N 273 
SER CB  HB3  sing N N 274 
SER OG  HG   sing N N 275 
SER OXT HXT  sing N N 276 
THR N   CA   sing N N 277 
THR N   H    sing N N 278 
THR N   H2   sing N N 279 
THR CA  C    sing N N 280 
THR CA  CB   sing N N 281 
THR CA  HA   sing N N 282 
THR C   O    doub N N 283 
THR C   OXT  sing N N 284 
THR CB  OG1  sing N N 285 
THR CB  CG2  sing N N 286 
THR CB  HB   sing N N 287 
THR OG1 HG1  sing N N 288 
THR CG2 HG21 sing N N 289 
THR CG2 HG22 sing N N 290 
THR CG2 HG23 sing N N 291 
THR OXT HXT  sing N N 292 
TRP N   CA   sing N N 293 
TRP N   H    sing N N 294 
TRP N   H2   sing N N 295 
TRP CA  C    sing N N 296 
TRP CA  CB   sing N N 297 
TRP CA  HA   sing N N 298 
TRP C   O    doub N N 299 
TRP C   OXT  sing N N 300 
TRP CB  CG   sing N N 301 
TRP CB  HB2  sing N N 302 
TRP CB  HB3  sing N N 303 
TRP CG  CD1  doub Y N 304 
TRP CG  CD2  sing Y N 305 
TRP CD1 NE1  sing Y N 306 
TRP CD1 HD1  sing N N 307 
TRP CD2 CE2  doub Y N 308 
TRP CD2 CE3  sing Y N 309 
TRP NE1 CE2  sing Y N 310 
TRP NE1 HE1  sing N N 311 
TRP CE2 CZ2  sing Y N 312 
TRP CE3 CZ3  doub Y N 313 
TRP CE3 HE3  sing N N 314 
TRP CZ2 CH2  doub Y N 315 
TRP CZ2 HZ2  sing N N 316 
TRP CZ3 CH2  sing Y N 317 
TRP CZ3 HZ3  sing N N 318 
TRP CH2 HH2  sing N N 319 
TRP OXT HXT  sing N N 320 
TYR N   CA   sing N N 321 
TYR N   H    sing N N 322 
TYR N   H2   sing N N 323 
TYR CA  C    sing N N 324 
TYR CA  CB   sing N N 325 
TYR CA  HA   sing N N 326 
TYR C   O    doub N N 327 
TYR C   OXT  sing N N 328 
TYR CB  CG   sing N N 329 
TYR CB  HB2  sing N N 330 
TYR CB  HB3  sing N N 331 
TYR CG  CD1  doub Y N 332 
TYR CG  CD2  sing Y N 333 
TYR CD1 CE1  sing Y N 334 
TYR CD1 HD1  sing N N 335 
TYR CD2 CE2  doub Y N 336 
TYR CD2 HD2  sing N N 337 
TYR CE1 CZ   doub Y N 338 
TYR CE1 HE1  sing N N 339 
TYR CE2 CZ   sing Y N 340 
TYR CE2 HE2  sing N N 341 
TYR CZ  OH   sing N N 342 
TYR OH  HH   sing N N 343 
TYR OXT HXT  sing N N 344 
VAL N   CA   sing N N 345 
VAL N   H    sing N N 346 
VAL N   H2   sing N N 347 
VAL CA  C    sing N N 348 
VAL CA  CB   sing N N 349 
VAL CA  HA   sing N N 350 
VAL C   O    doub N N 351 
VAL C   OXT  sing N N 352 
VAL CB  CG1  sing N N 353 
VAL CB  CG2  sing N N 354 
VAL CB  HB   sing N N 355 
VAL CG1 HG11 sing N N 356 
VAL CG1 HG12 sing N N 357 
VAL CG1 HG13 sing N N 358 
VAL CG2 HG21 sing N N 359 
VAL CG2 HG22 sing N N 360 
VAL CG2 HG23 sing N N 361 
VAL OXT HXT  sing N N 362 
# 
_atom_sites.entry_id                    2FQ3 
_atom_sites.fract_transf_matrix[1][1]   -0.02033052 
_atom_sites.fract_transf_matrix[1][2]   -0.00899266 
_atom_sites.fract_transf_matrix[1][3]   -0.00413028 
_atom_sites.fract_transf_matrix[2][1]   -0.00616232 
_atom_sites.fract_transf_matrix[2][2]   0.01886652 
_atom_sites.fract_transf_matrix[2][3]   -0.01074430 
_atom_sites.fract_transf_matrix[3][1]   0.00701004 
_atom_sites.fract_transf_matrix[3][2]   -0.00775068 
_atom_sites.fract_transf_matrix[3][3]   -0.01763041 
_atom_sites.fract_transf_vector[1]      0.970358 
_atom_sites.fract_transf_vector[2]      0.680728 
_atom_sites.fract_transf_vector[3]      0.348700 
# 
loop_
_atom_type.symbol 
C 
N 
O 
S 
# 
loop_
_atom_site.group_PDB 
_atom_site.id 
_atom_site.type_symbol 
_atom_site.label_atom_id 
_atom_site.label_alt_id 
_atom_site.label_comp_id 
_atom_site.label_asym_id 
_atom_site.label_entity_id 
_atom_site.label_seq_id 
_atom_site.pdbx_PDB_ins_code 
_atom_site.Cartn_x 
_atom_site.Cartn_y 
_atom_site.Cartn_z 
_atom_site.occupancy 
_atom_site.B_iso_or_equiv 
_atom_site.pdbx_formal_charge 
_atom_site.auth_seq_id 
_atom_site.auth_comp_id 
_atom_site.auth_asym_id 
_atom_site.auth_atom_id 
_atom_site.pdbx_PDB_model_num 
ATOM   1   N N   . SER A 1 17  ? -11.124 8.268   5.403   1.00 33.33 ? 311 SER A N   1 
ATOM   2   C CA  . SER A 1 17  ? -11.243 7.690   4.033   1.00 31.46 ? 311 SER A CA  1 
ATOM   3   C C   . SER A 1 17  ? -12.303 6.599   4.004   1.00 30.85 ? 311 SER A C   1 
ATOM   4   O O   . SER A 1 17  ? -11.988 5.408   3.998   1.00 29.41 ? 311 SER A O   1 
ATOM   5   C CB  . SER A 1 17  ? -9.897  7.116   3.590   1.00 32.74 ? 311 SER A CB  1 
ATOM   6   O OG  . SER A 1 17  ? -8.906  8.127   3.554   1.00 34.71 ? 311 SER A OG  1 
ATOM   7   N N   . LYS A 1 18  ? -13.563 7.023   3.979   1.00 28.46 ? 312 LYS A N   1 
ATOM   8   C CA  . LYS A 1 18  ? -14.700 6.114   3.957   1.00 28.04 ? 312 LYS A CA  1 
ATOM   9   C C   . LYS A 1 18  ? -14.638 5.154   2.777   1.00 26.00 ? 312 LYS A C   1 
ATOM   10  O O   . LYS A 1 18  ? -15.131 4.030   2.859   1.00 27.55 ? 312 LYS A O   1 
ATOM   11  C CB  . LYS A 1 18  ? -16.004 6.914   3.879   1.00 28.92 ? 312 LYS A CB  1 
ATOM   12  C CG  . LYS A 1 18  ? -16.176 7.949   4.979   1.00 30.80 ? 312 LYS A CG  1 
ATOM   13  C CD  . LYS A 1 18  ? -17.332 8.904   4.681   1.00 31.05 ? 312 LYS A CD  1 
ATOM   14  C CE  . LYS A 1 18  ? -18.667 8.180   4.600   1.00 33.04 ? 312 LYS A CE  1 
ATOM   15  N NZ  . LYS A 1 18  ? -19.791 9.125   4.336   1.00 32.61 ? 312 LYS A NZ  1 
ATOM   16  N N   . TRP A 1 19  ? -14.031 5.595   1.680   1.00 22.47 ? 313 TRP A N   1 
ATOM   17  C CA  . TRP A 1 19  ? -13.942 4.759   0.491   1.00 20.93 ? 313 TRP A CA  1 
ATOM   18  C C   . TRP A 1 19  ? -13.021 3.564   0.677   1.00 20.34 ? 313 TRP A C   1 
ATOM   19  O O   . TRP A 1 19  ? -13.191 2.537   0.020   1.00 20.80 ? 313 TRP A O   1 
ATOM   20  C CB  . TRP A 1 19  ? -13.454 5.575   -0.712  1.00 18.88 ? 313 TRP A CB  1 
ATOM   21  C CG  . TRP A 1 19  ? -12.032 6.073   -0.599  1.00 19.74 ? 313 TRP A CG  1 
ATOM   22  C CD1 . TRP A 1 19  ? -11.617 7.270   -0.087  1.00 20.72 ? 313 TRP A CD1 1 
ATOM   23  C CD2 . TRP A 1 19  ? -10.848 5.389   -1.026  1.00 20.50 ? 313 TRP A CD2 1 
ATOM   24  N NE1 . TRP A 1 19  ? -10.248 7.377   -0.176  1.00 21.92 ? 313 TRP A NE1 1 
ATOM   25  C CE2 . TRP A 1 19  ? -9.751  6.236   -0.748  1.00 20.71 ? 313 TRP A CE2 1 
ATOM   26  C CE3 . TRP A 1 19  ? -10.606 4.142   -1.616  1.00 20.82 ? 313 TRP A CE3 1 
ATOM   27  C CZ2 . TRP A 1 19  ? -8.429  5.876   -1.044  1.00 22.49 ? 313 TRP A CZ2 1 
ATOM   28  C CZ3 . TRP A 1 19  ? -9.293  3.785   -1.909  1.00 23.99 ? 313 TRP A CZ3 1 
ATOM   29  C CH2 . TRP A 1 19  ? -8.224  4.650   -1.623  1.00 23.45 ? 313 TRP A CH2 1 
ATOM   30  N N   . PHE A 1 20  ? -12.050 3.703   1.575   1.00 20.37 ? 314 PHE A N   1 
ATOM   31  C CA  . PHE A 1 20  ? -11.078 2.645   1.817   1.00 20.16 ? 314 PHE A CA  1 
ATOM   32  C C   . PHE A 1 20  ? -11.530 1.589   2.818   1.00 20.87 ? 314 PHE A C   1 
ATOM   33  O O   . PHE A 1 20  ? -12.149 1.900   3.833   1.00 23.18 ? 314 PHE A O   1 
ATOM   34  C CB  . PHE A 1 20  ? -9.757  3.253   2.293   1.00 21.85 ? 314 PHE A CB  1 
ATOM   35  C CG  . PHE A 1 20  ? -8.685  2.234   2.531   1.00 21.08 ? 314 PHE A CG  1 
ATOM   36  C CD1 . PHE A 1 20  ? -8.070  1.593   1.462   1.00 22.59 ? 314 PHE A CD1 1 
ATOM   37  C CD2 . PHE A 1 20  ? -8.317  1.885   3.825   1.00 22.88 ? 314 PHE A CD2 1 
ATOM   38  C CE1 . PHE A 1 20  ? -7.104  0.611   1.678   1.00 23.39 ? 314 PHE A CE1 1 
ATOM   39  C CE2 . PHE A 1 20  ? -7.351  0.902   4.053   1.00 23.88 ? 314 PHE A CE2 1 
ATOM   40  C CZ  . PHE A 1 20  ? -6.745  0.266   2.974   1.00 24.28 ? 314 PHE A CZ  1 
ATOM   41  N N   . ASN A 1 21  ? -11.196 0.337   2.526   1.00 20.58 ? 315 ASN A N   1 
ATOM   42  C CA  . ASN A 1 21  ? -11.548 -0.787  3.386   1.00 20.81 ? 315 ASN A CA  1 
ATOM   43  C C   . ASN A 1 21  ? -10.425 -1.820  3.292   1.00 21.04 ? 315 ASN A C   1 
ATOM   44  O O   . ASN A 1 21  ? -10.072 -2.261  2.199   1.00 18.78 ? 315 ASN A O   1 
ATOM   45  C CB  . ASN A 1 21  ? -12.870 -1.404  2.920   1.00 24.18 ? 315 ASN A CB  1 
ATOM   46  C CG  . ASN A 1 21  ? -13.420 -2.422  3.900   1.00 25.72 ? 315 ASN A CG  1 
ATOM   47  O OD1 . ASN A 1 21  ? -12.755 -3.401  4.242   1.00 25.63 ? 315 ASN A OD1 1 
ATOM   48  N ND2 . ASN A 1 21  ? -14.649 -2.196  4.353   1.00 30.29 ? 315 ASN A ND2 1 
ATOM   49  N N   . LEU A 1 22  ? -9.870  -2.203  4.440   1.00 20.54 ? 316 LEU A N   1 
ATOM   50  C CA  . LEU A 1 22  ? -8.775  -3.173  4.486   1.00 20.60 ? 316 LEU A CA  1 
ATOM   51  C C   . LEU A 1 22  ? -9.092  -4.517  3.829   1.00 20.34 ? 316 LEU A C   1 
ATOM   52  O O   . LEU A 1 22  ? -8.186  -5.228  3.394   1.00 20.20 ? 316 LEU A O   1 
ATOM   53  C CB  . LEU A 1 22  ? -8.356  -3.421  5.939   1.00 22.91 ? 316 LEU A CB  1 
ATOM   54  C CG  . LEU A 1 22  ? -7.663  -2.279  6.684   1.00 23.86 ? 316 LEU A CG  1 
ATOM   55  C CD1 . LEU A 1 22  ? -7.639  -2.590  8.173   1.00 25.27 ? 316 LEU A CD1 1 
ATOM   56  C CD2 . LEU A 1 22  ? -6.251  -2.094  6.151   1.00 24.97 ? 316 LEU A CD2 1 
ATOM   57  N N   . GLU A 1 23  ? -10.374 -4.862  3.753   1.00 21.90 ? 317 GLU A N   1 
ATOM   58  C CA  . GLU A 1 23  ? -10.781 -6.137  3.170   1.00 23.54 ? 317 GLU A CA  1 
ATOM   59  C C   . GLU A 1 23  ? -11.217 -6.065  1.711   1.00 23.31 ? 317 GLU A C   1 
ATOM   60  O O   . GLU A 1 23  ? -11.610 -7.077  1.127   1.00 24.64 ? 317 GLU A O   1 
ATOM   61  C CB  . GLU A 1 23  ? -11.916 -6.743  3.999   1.00 28.31 ? 317 GLU A CB  1 
ATOM   62  C CG  . GLU A 1 23  ? -11.564 -6.976  5.460   1.00 34.44 ? 317 GLU A CG  1 
ATOM   63  C CD  . GLU A 1 23  ? -10.414 -7.948  5.633   1.00 38.56 ? 317 GLU A CD  1 
ATOM   64  O OE1 . GLU A 1 23  ? -10.523 -9.090  5.135   1.00 41.99 ? 317 GLU A OE1 1 
ATOM   65  O OE2 . GLU A 1 23  ? -9.403  -7.574  6.269   1.00 41.45 ? 317 GLU A OE2 1 
ATOM   66  N N   . LYS A 1 24  ? -11.151 -4.881  1.117   1.00 20.34 ? 318 LYS A N   1 
ATOM   67  C CA  . LYS A 1 24  ? -11.562 -4.721  -0.271  1.00 21.40 ? 318 LYS A CA  1 
ATOM   68  C C   . LYS A 1 24  ? -10.541 -3.928  -1.068  1.00 18.69 ? 318 LYS A C   1 
ATOM   69  O O   . LYS A 1 24  ? -9.559  -3.426  -0.522  1.00 18.93 ? 318 LYS A O   1 
ATOM   70  C CB  . LYS A 1 24  ? -12.901 -3.986  -0.349  1.00 23.45 ? 318 LYS A CB  1 
ATOM   71  C CG  . LYS A 1 24  ? -14.050 -4.651  0.392   1.00 27.66 ? 318 LYS A CG  1 
ATOM   72  C CD  . LYS A 1 24  ? -15.299 -3.783  0.330   1.00 32.40 ? 318 LYS A CD  1 
ATOM   73  C CE  . LYS A 1 24  ? -16.450 -4.400  1.109   1.00 34.95 ? 318 LYS A CE  1 
ATOM   74  N NZ  . LYS A 1 24  ? -16.837 -5.736  0.571   1.00 37.53 ? 318 LYS A NZ  1 
ATOM   75  N N   . ILE A 1 25  ? -10.785 -3.834  -2.370  1.00 17.57 ? 319 ILE A N   1 
ATOM   76  C CA  . ILE A 1 25  ? -9.934  -3.064  -3.262  1.00 18.11 ? 319 ILE A CA  1 
ATOM   77  C C   . ILE A 1 25  ? -10.879 -2.171  -4.053  1.00 18.92 ? 319 ILE A C   1 
ATOM   78  O O   . ILE A 1 25  ? -11.804 -2.648  -4.709  1.00 21.12 ? 319 ILE A O   1 
ATOM   79  C CB  . ILE A 1 25  ? -9.139  -3.964  -4.214  1.00 18.10 ? 319 ILE A CB  1 
ATOM   80  C CG1 . ILE A 1 25  ? -8.221  -4.879  -3.398  1.00 19.45 ? 319 ILE A CG1 1 
ATOM   81  C CG2 . ILE A 1 25  ? -8.320  -3.105  -5.177  1.00 19.17 ? 319 ILE A CG2 1 
ATOM   82  C CD1 . ILE A 1 25  ? -7.448  -5.875  -4.227  1.00 21.18 ? 319 ILE A CD1 1 
ATOM   83  N N   . HIS A 1 26  ? -10.646 -0.869  -3.964  1.00 17.28 ? 320 HIS A N   1 
ATOM   84  C CA  . HIS A 1 26  ? -11.472 0.136   -4.622  1.00 16.59 ? 320 HIS A CA  1 
ATOM   85  C C   . HIS A 1 26  ? -10.986 0.428   -6.038  1.00 15.78 ? 320 HIS A C   1 
ATOM   86  O O   . HIS A 1 26  ? -9.819  0.204   -6.369  1.00 15.83 ? 320 HIS A O   1 
ATOM   87  C CB  . HIS A 1 26  ? -11.433 1.414   -3.776  1.00 16.53 ? 320 HIS A CB  1 
ATOM   88  C CG  . HIS A 1 26  ? -12.488 2.421   -4.124  1.00 15.69 ? 320 HIS A CG  1 
ATOM   89  N ND1 . HIS A 1 26  ? -12.371 3.290   -5.188  1.00 16.09 ? 320 HIS A ND1 1 
ATOM   90  C CD2 . HIS A 1 26  ? -13.668 2.710   -3.527  1.00 19.44 ? 320 HIS A CD2 1 
ATOM   91  C CE1 . HIS A 1 26  ? -13.435 4.074   -5.228  1.00 17.81 ? 320 HIS A CE1 1 
ATOM   92  N NE2 . HIS A 1 26  ? -14.236 3.743   -4.231  1.00 19.27 ? 320 HIS A NE2 1 
ATOM   93  N N   . SER A 1 27  ? -11.885 0.924   -6.878  1.00 15.67 ? 321 SER A N   1 
ATOM   94  C CA  . SER A 1 27  ? -11.520 1.266   -8.241  1.00 14.84 ? 321 SER A CA  1 
ATOM   95  C C   . SER A 1 27  ? -10.354 2.252   -8.286  1.00 15.28 ? 321 SER A C   1 
ATOM   96  O O   . SER A 1 27  ? -9.534  2.199   -9.204  1.00 15.83 ? 321 SER A O   1 
ATOM   97  C CB  . SER A 1 27  ? -12.722 1.849   -8.972  1.00 16.17 ? 321 SER A CB  1 
ATOM   98  O OG  . SER A 1 27  ? -13.719 0.856   -9.093  1.00 20.26 ? 321 SER A OG  1 
ATOM   99  N N   . ILE A 1 28  ? -10.284 3.153   -7.307  1.00 15.04 ? 322 ILE A N   1 
ATOM   100 C CA  . ILE A 1 28  ? -9.192  4.126   -7.252  1.00 15.65 ? 322 ILE A CA  1 
ATOM   101 C C   . ILE A 1 28  ? -7.843  3.397   -7.227  1.00 15.29 ? 322 ILE A C   1 
ATOM   102 O O   . ILE A 1 28  ? -6.885  3.807   -7.880  1.00 15.43 ? 322 ILE A O   1 
ATOM   103 C CB  . ILE A 1 28  ? -9.313  5.026   -5.992  1.00 15.74 ? 322 ILE A CB  1 
ATOM   104 C CG1 . ILE A 1 28  ? -10.471 6.016   -6.176  1.00 17.54 ? 322 ILE A CG1 1 
ATOM   105 C CG2 . ILE A 1 28  ? -7.995  5.766   -5.732  1.00 18.32 ? 322 ILE A CG2 1 
ATOM   106 C CD1 . ILE A 1 28  ? -10.801 6.817   -4.936  1.00 19.82 ? 322 ILE A CD1 1 
ATOM   107 N N   . GLU A 1 29  ? -7.779  2.313   -6.464  1.00 13.92 ? 323 GLU A N   1 
ATOM   108 C CA  . GLU A 1 29  ? -6.558  1.524   -6.346  1.00 14.47 ? 323 GLU A CA  1 
ATOM   109 C C   . GLU A 1 29  ? -6.226  0.774   -7.632  1.00 14.68 ? 323 GLU A C   1 
ATOM   110 O O   . GLU A 1 29  ? -5.070  0.756   -8.067  1.00 15.27 ? 323 GLU A O   1 
ATOM   111 C CB  . GLU A 1 29  ? -6.696  0.552   -5.171  1.00 14.21 ? 323 GLU A CB  1 
ATOM   112 C CG  . GLU A 1 29  ? -7.077  1.259   -3.874  1.00 15.28 ? 323 GLU A CG  1 
ATOM   113 C CD  . GLU A 1 29  ? -7.266  0.305   -2.718  1.00 17.26 ? 323 GLU A CD  1 
ATOM   114 O OE1 . GLU A 1 29  ? -6.254  -0.114  -2.125  1.00 16.75 ? 323 GLU A OE1 1 
ATOM   115 O OE2 . GLU A 1 29  ? -8.428  -0.035  -2.405  1.00 16.18 ? 323 GLU A OE2 1 
ATOM   116 N N   . VAL A 1 30  ? -7.235  0.166   -8.252  1.00 15.27 ? 324 VAL A N   1 
ATOM   117 C CA  . VAL A 1 30  ? -7.022  -0.575  -9.491  1.00 16.45 ? 324 VAL A CA  1 
ATOM   118 C C   . VAL A 1 30  ? -6.485  0.338   -10.589 1.00 16.87 ? 324 VAL A C   1 
ATOM   119 O O   . VAL A 1 30  ? -5.606  -0.044  -11.358 1.00 18.11 ? 324 VAL A O   1 
ATOM   120 C CB  . VAL A 1 30  ? -8.338  -1.235  -9.971  1.00 15.92 ? 324 VAL A CB  1 
ATOM   121 C CG1 . VAL A 1 30  ? -8.142  -1.885  -11.337 1.00 19.26 ? 324 VAL A CG1 1 
ATOM   122 C CG2 . VAL A 1 30  ? -8.787  -2.265  -8.956  1.00 16.60 ? 324 VAL A CG2 1 
ATOM   123 N N   . GLN A 1 31  ? -7.001  1.559   -10.650 1.00 16.47 ? 325 GLN A N   1 
ATOM   124 C CA  . GLN A 1 31  ? -6.563  2.509   -11.668 1.00 19.44 ? 325 GLN A CA  1 
ATOM   125 C C   . GLN A 1 31  ? -5.180  3.082   -11.387 1.00 19.67 ? 325 GLN A C   1 
ATOM   126 O O   . GLN A 1 31  ? -4.390  3.296   -12.306 1.00 21.96 ? 325 GLN A O   1 
ATOM   127 C CB  . GLN A 1 31  ? -7.539  3.680   -11.753 1.00 21.03 ? 325 GLN A CB  1 
ATOM   128 C CG  . GLN A 1 31  ? -8.974  3.305   -12.004 1.00 25.67 ? 325 GLN A CG  1 
ATOM   129 C CD  . GLN A 1 31  ? -9.864  4.523   -12.054 1.00 27.79 ? 325 GLN A CD  1 
ATOM   130 O OE1 . GLN A 1 31  ? -9.710  5.374   -12.927 1.00 30.05 ? 325 GLN A OE1 1 
ATOM   131 N NE2 . GLN A 1 31  ? -10.795 4.620   -11.111 1.00 29.73 ? 325 GLN A NE2 1 
ATOM   132 N N   . SER A 1 32  ? -4.901  3.331   -10.111 1.00 18.56 ? 326 SER A N   1 
ATOM   133 C CA  . SER A 1 32  ? -3.642  3.941   -9.690  1.00 17.89 ? 326 SER A CA  1 
ATOM   134 C C   . SER A 1 32  ? -2.411  3.044   -9.671  1.00 18.67 ? 326 SER A C   1 
ATOM   135 O O   . SER A 1 32  ? -1.299  3.517   -9.902  1.00 19.03 ? 326 SER A O   1 
ATOM   136 C CB  . SER A 1 32  ? -3.820  4.568   -8.308  1.00 17.88 ? 326 SER A CB  1 
ATOM   137 O OG  . SER A 1 32  ? -4.826  5.565   -8.325  1.00 19.13 ? 326 SER A OG  1 
ATOM   138 N N   . LEU A 1 33  ? -2.603  1.763   -9.379  1.00 16.51 ? 327 LEU A N   1 
ATOM   139 C CA  . LEU A 1 33  ? -1.496  0.815   -9.321  1.00 16.13 ? 327 LEU A CA  1 
ATOM   140 C C   . LEU A 1 33  ? -1.839  -0.391  -10.192 1.00 16.17 ? 327 LEU A C   1 
ATOM   141 O O   . LEU A 1 33  ? -1.984  -1.514  -9.709  1.00 16.53 ? 327 LEU A O   1 
ATOM   142 C CB  . LEU A 1 33  ? -1.265  0.394   -7.867  1.00 17.34 ? 327 LEU A CB  1 
ATOM   143 C CG  . LEU A 1 33  ? -0.793  1.546   -6.970  1.00 17.58 ? 327 LEU A CG  1 
ATOM   144 C CD1 . LEU A 1 33  ? -0.837  1.126   -5.518  1.00 17.74 ? 327 LEU A CD1 1 
ATOM   145 C CD2 . LEU A 1 33  ? 0.620   1.972   -7.375  1.00 18.84 ? 327 LEU A CD2 1 
ATOM   146 N N   . PRO A 1 34  ? -1.951  -0.162  -11.508 1.00 17.11 ? 328 PRO A N   1 
ATOM   147 C CA  . PRO A 1 34  ? -2.286  -1.212  -12.472 1.00 16.74 ? 328 PRO A CA  1 
ATOM   148 C C   . PRO A 1 34  ? -1.396  -2.442  -12.506 1.00 16.95 ? 328 PRO A C   1 
ATOM   149 O O   . PRO A 1 34  ? -1.829  -3.497  -12.958 1.00 17.52 ? 328 PRO A O   1 
ATOM   150 C CB  . PRO A 1 34  ? -2.289  -0.463  -13.805 1.00 18.72 ? 328 PRO A CB  1 
ATOM   151 C CG  . PRO A 1 34  ? -1.283  0.615   -13.587 1.00 20.22 ? 328 PRO A CG  1 
ATOM   152 C CD  . PRO A 1 34  ? -1.636  1.098   -12.201 1.00 18.39 ? 328 PRO A CD  1 
ATOM   153 N N   . GLU A 1 35  ? -0.162  -2.325  -12.020 1.00 17.10 ? 329 GLU A N   1 
ATOM   154 C CA  . GLU A 1 35  ? 0.761   -3.453  -12.054 1.00 17.93 ? 329 GLU A CA  1 
ATOM   155 C C   . GLU A 1 35  ? 0.280   -4.695  -11.300 1.00 16.67 ? 329 GLU A C   1 
ATOM   156 O O   . GLU A 1 35  ? 0.742   -5.804  -11.570 1.00 17.56 ? 329 GLU A O   1 
ATOM   157 C CB  . GLU A 1 35  ? 2.138   -3.022  -11.525 1.00 17.37 ? 329 GLU A CB  1 
ATOM   158 C CG  . GLU A 1 35  ? 2.205   -2.795  -10.018 1.00 18.37 ? 329 GLU A CG  1 
ATOM   159 C CD  . GLU A 1 35  ? 3.473   -2.072  -9.597  1.00 19.42 ? 329 GLU A CD  1 
ATOM   160 O OE1 . GLU A 1 35  ? 3.415   -0.839  -9.412  1.00 20.60 ? 329 GLU A OE1 1 
ATOM   161 O OE2 . GLU A 1 35  ? 4.526   -2.735  -9.473  1.00 22.35 ? 329 GLU A OE2 1 
ATOM   162 N N   . PHE A 1 36  ? -0.645  -4.519  -10.359 1.00 15.87 ? 330 PHE A N   1 
ATOM   163 C CA  . PHE A 1 36  ? -1.163  -5.651  -9.590  1.00 15.88 ? 330 PHE A CA  1 
ATOM   164 C C   . PHE A 1 36  ? -2.470  -6.198  -10.151 1.00 15.61 ? 330 PHE A C   1 
ATOM   165 O O   . PHE A 1 36  ? -2.965  -7.227  -9.685  1.00 15.70 ? 330 PHE A O   1 
ATOM   166 C CB  . PHE A 1 36  ? -1.418  -5.236  -8.139  1.00 16.40 ? 330 PHE A CB  1 
ATOM   167 C CG  . PHE A 1 36  ? -0.176  -4.880  -7.377  1.00 17.46 ? 330 PHE A CG  1 
ATOM   168 C CD1 . PHE A 1 36  ? 0.664   -5.873  -6.890  1.00 19.67 ? 330 PHE A CD1 1 
ATOM   169 C CD2 . PHE A 1 36  ? 0.155   -3.547  -7.155  1.00 19.69 ? 330 PHE A CD2 1 
ATOM   170 C CE1 . PHE A 1 36  ? 1.824   -5.542  -6.187  1.00 22.61 ? 330 PHE A CE1 1 
ATOM   171 C CE2 . PHE A 1 36  ? 1.311   -3.206  -6.454  1.00 21.17 ? 330 PHE A CE2 1 
ATOM   172 C CZ  . PHE A 1 36  ? 2.144   -4.202  -5.972  1.00 22.63 ? 330 PHE A CZ  1 
ATOM   173 N N   . PHE A 1 37  ? -3.003  -5.523  -11.164 1.00 15.55 ? 331 PHE A N   1 
ATOM   174 C CA  . PHE A 1 37  ? -4.294  -5.891  -11.733 1.00 15.60 ? 331 PHE A CA  1 
ATOM   175 C C   . PHE A 1 37  ? -4.268  -6.203  -13.225 1.00 17.04 ? 331 PHE A C   1 
ATOM   176 O O   . PHE A 1 37  ? -5.148  -5.770  -13.970 1.00 17.32 ? 331 PHE A O   1 
ATOM   177 C CB  . PHE A 1 37  ? -5.271  -4.751  -11.432 1.00 15.72 ? 331 PHE A CB  1 
ATOM   178 C CG  . PHE A 1 37  ? -5.337  -4.402  -9.973  1.00 15.59 ? 331 PHE A CG  1 
ATOM   179 C CD1 . PHE A 1 37  ? -6.069  -5.192  -9.096  1.00 16.28 ? 331 PHE A CD1 1 
ATOM   180 C CD2 . PHE A 1 37  ? -4.599  -3.339  -9.458  1.00 15.54 ? 331 PHE A CD2 1 
ATOM   181 C CE1 . PHE A 1 37  ? -6.067  -4.942  -7.725  1.00 16.82 ? 331 PHE A CE1 1 
ATOM   182 C CE2 . PHE A 1 37  ? -4.587  -3.078  -8.085  1.00 16.87 ? 331 PHE A CE2 1 
ATOM   183 C CZ  . PHE A 1 37  ? -5.321  -3.882  -7.218  1.00 16.88 ? 331 PHE A CZ  1 
ATOM   184 N N   . THR A 1 38  ? -3.275  -6.978  -13.650 1.00 16.15 ? 332 THR A N   1 
ATOM   185 C CA  . THR A 1 38  ? -3.136  -7.329  -15.063 1.00 17.38 ? 332 THR A CA  1 
ATOM   186 C C   . THR A 1 38  ? -3.715  -8.690  -15.422 1.00 17.82 ? 332 THR A C   1 
ATOM   187 O O   . THR A 1 38  ? -4.000  -8.947  -16.591 1.00 18.64 ? 332 THR A O   1 
ATOM   188 C CB  . THR A 1 38  ? -1.652  -7.363  -15.506 1.00 18.39 ? 332 THR A CB  1 
ATOM   189 O OG1 . THR A 1 38  ? -1.007  -8.501  -14.918 1.00 19.31 ? 332 THR A OG1 1 
ATOM   190 C CG2 . THR A 1 38  ? -0.929  -6.088  -15.088 1.00 20.40 ? 332 THR A CG2 1 
ATOM   191 N N   . ASN A 1 39  ? -3.879  -9.555  -14.425 1.00 17.49 ? 333 ASN A N   1 
ATOM   192 C CA  . ASN A 1 39  ? -4.379  -10.914 -14.636 1.00 18.54 ? 333 ASN A CA  1 
ATOM   193 C C   . ASN A 1 39  ? -3.383  -11.740 -15.454 1.00 21.13 ? 333 ASN A C   1 
ATOM   194 O O   . ASN A 1 39  ? -3.724  -12.813 -15.950 1.00 22.69 ? 333 ASN A O   1 
ATOM   195 C CB  . ASN A 1 39  ? -5.735  -10.891 -15.348 1.00 18.20 ? 333 ASN A CB  1 
ATOM   196 C CG  . ASN A 1 39  ? -6.855  -10.392 -14.454 1.00 18.12 ? 333 ASN A CG  1 
ATOM   197 O OD1 . ASN A 1 39  ? -7.722  -9.635  -14.891 1.00 19.70 ? 333 ASN A OD1 1 
ATOM   198 N ND2 . ASN A 1 39  ? -6.847  -10.820 -13.199 1.00 17.07 ? 333 ASN A ND2 1 
ATOM   199 N N   . ARG A 1 40  ? -2.152  -11.248 -15.583 1.00 22.33 ? 334 ARG A N   1 
ATOM   200 C CA  . ARG A 1 40  ? -1.138  -11.967 -16.355 1.00 25.56 ? 334 ARG A CA  1 
ATOM   201 C C   . ARG A 1 40  ? 0.228   -12.060 -15.669 1.00 26.86 ? 334 ARG A C   1 
ATOM   202 O O   . ARG A 1 40  ? 1.199   -12.515 -16.276 1.00 28.07 ? 334 ARG A O   1 
ATOM   203 C CB  . ARG A 1 40  ? -0.974  -11.322 -17.737 1.00 28.13 ? 334 ARG A CB  1 
ATOM   204 C CG  . ARG A 1 40  ? -0.464  -9.894  -17.700 1.00 31.48 ? 334 ARG A CG  1 
ATOM   205 C CD  . ARG A 1 40  ? -0.364  -9.287  -19.093 1.00 36.17 ? 334 ARG A CD  1 
ATOM   206 N NE  . ARG A 1 40  ? 0.462   -10.087 -19.992 1.00 40.38 ? 334 ARG A NE  1 
ATOM   207 C CZ  . ARG A 1 40  ? 0.804   -9.716  -21.222 1.00 42.79 ? 334 ARG A CZ  1 
ATOM   208 N NH1 . ARG A 1 40  ? 0.394   -8.549  -21.705 1.00 43.63 ? 334 ARG A NH1 1 
ATOM   209 N NH2 . ARG A 1 40  ? 1.551   -10.513 -21.975 1.00 44.38 ? 334 ARG A NH2 1 
ATOM   210 N N   . ILE A 1 41  ? 0.306   -11.633 -14.411 1.00 27.07 ? 335 ILE A N   1 
ATOM   211 C CA  . ILE A 1 41  ? 1.561   -11.685 -13.660 1.00 27.79 ? 335 ILE A CA  1 
ATOM   212 C C   . ILE A 1 41  ? 1.346   -12.426 -12.339 1.00 29.45 ? 335 ILE A C   1 
ATOM   213 O O   . ILE A 1 41  ? 0.890   -11.843 -11.356 1.00 27.63 ? 335 ILE A O   1 
ATOM   214 C CB  . ILE A 1 41  ? 2.091   -10.270 -13.356 1.00 27.71 ? 335 ILE A CB  1 
ATOM   215 C CG1 . ILE A 1 41  ? 2.255   -9.481  -14.656 1.00 27.96 ? 335 ILE A CG1 1 
ATOM   216 C CG2 . ILE A 1 41  ? 3.425   -10.364 -12.622 1.00 29.72 ? 335 ILE A CG2 1 
ATOM   217 C CD1 . ILE A 1 41  ? 2.663   -8.038  -14.453 1.00 28.46 ? 335 ILE A CD1 1 
ATOM   218 N N   . PRO A 1 42  ? 1.688   -13.724 -12.297 1.00 30.99 ? 336 PRO A N   1 
ATOM   219 C CA  . PRO A 1 42  ? 1.536   -14.571 -11.109 1.00 31.76 ? 336 PRO A CA  1 
ATOM   220 C C   . PRO A 1 42  ? 1.992   -13.970 -9.778  1.00 31.05 ? 336 PRO A C   1 
ATOM   221 O O   . PRO A 1 42  ? 1.348   -14.184 -8.751  1.00 32.88 ? 336 PRO A O   1 
ATOM   222 C CB  . PRO A 1 42  ? 2.333   -15.819 -11.479 1.00 32.66 ? 336 PRO A CB  1 
ATOM   223 C CG  . PRO A 1 42  ? 2.101   -15.922 -12.950 1.00 33.04 ? 336 PRO A CG  1 
ATOM   224 C CD  . PRO A 1 42  ? 2.298   -14.489 -13.402 1.00 32.13 ? 336 PRO A CD  1 
ATOM   225 N N   . SER A 1 43  ? 3.091   -13.225 -9.795  1.00 30.86 ? 337 SER A N   1 
ATOM   226 C CA  . SER A 1 43  ? 3.621   -12.634 -8.568  1.00 31.13 ? 337 SER A CA  1 
ATOM   227 C C   . SER A 1 43  ? 2.971   -11.319 -8.140  1.00 29.78 ? 337 SER A C   1 
ATOM   228 O O   . SER A 1 43  ? 3.169   -10.867 -7.014  1.00 29.64 ? 337 SER A O   1 
ATOM   229 C CB  . SER A 1 43  ? 5.136   -12.440 -8.694  1.00 31.85 ? 337 SER A CB  1 
ATOM   230 O OG  . SER A 1 43  ? 5.460   -11.625 -9.805  1.00 35.45 ? 337 SER A OG  1 
ATOM   231 N N   . LYS A 1 44  ? 2.203   -10.704 -9.035  1.00 27.06 ? 338 LYS A N   1 
ATOM   232 C CA  . LYS A 1 44  ? 1.524   -9.448  -8.722  1.00 25.08 ? 338 LYS A CA  1 
ATOM   233 C C   . LYS A 1 44  ? 0.024   -9.613  -8.928  1.00 22.90 ? 338 LYS A C   1 
ATOM   234 O O   . LYS A 1 44  ? -0.487  -9.487  -10.041 1.00 21.98 ? 338 LYS A O   1 
ATOM   235 C CB  . LYS A 1 44  ? 2.059   -8.313  -9.599  1.00 25.77 ? 338 LYS A CB  1 
ATOM   236 C CG  . LYS A 1 44  ? 3.460   -7.828  -9.219  1.00 30.83 ? 338 LYS A CG  1 
ATOM   237 C CD  . LYS A 1 44  ? 3.875   -6.638  -10.075 1.00 32.46 ? 338 LYS A CD  1 
ATOM   238 C CE  . LYS A 1 44  ? 5.193   -6.035  -9.613  1.00 36.19 ? 338 LYS A CE  1 
ATOM   239 N NZ  . LYS A 1 44  ? 6.312   -7.020  -9.646  1.00 39.22 ? 338 LYS A NZ  1 
ATOM   240 N N   . THR A 1 45  ? -0.676  -9.899  -7.838  1.00 20.86 ? 339 THR A N   1 
ATOM   241 C CA  . THR A 1 45  ? -2.114  -10.120 -7.870  1.00 20.94 ? 339 THR A CA  1 
ATOM   242 C C   . THR A 1 45  ? -2.811  -9.267  -6.815  1.00 20.25 ? 339 THR A C   1 
ATOM   243 O O   . THR A 1 45  ? -2.156  -8.625  -5.996  1.00 18.87 ? 339 THR A O   1 
ATOM   244 C CB  . THR A 1 45  ? -2.433  -11.582 -7.546  1.00 20.33 ? 339 THR A CB  1 
ATOM   245 O OG1 . THR A 1 45  ? -1.954  -11.876 -6.226  1.00 24.37 ? 339 THR A OG1 1 
ATOM   246 C CG2 . THR A 1 45  ? -1.762  -12.517 -8.548  1.00 25.50 ? 339 THR A CG2 1 
ATOM   247 N N   . PRO A 1 46  ? -4.151  -9.239  -6.826  1.00 18.96 ? 340 PRO A N   1 
ATOM   248 C CA  . PRO A 1 46  ? -4.860  -8.442  -5.821  1.00 19.24 ? 340 PRO A CA  1 
ATOM   249 C C   . PRO A 1 46  ? -4.503  -8.923  -4.414  1.00 19.59 ? 340 PRO A C   1 
ATOM   250 O O   . PRO A 1 46  ? -4.408  -8.131  -3.478  1.00 18.68 ? 340 PRO A O   1 
ATOM   251 C CB  . PRO A 1 46  ? -6.325  -8.694  -6.161  1.00 19.97 ? 340 PRO A CB  1 
ATOM   252 C CG  . PRO A 1 46  ? -6.287  -8.818  -7.645  1.00 21.43 ? 340 PRO A CG  1 
ATOM   253 C CD  . PRO A 1 46  ? -5.079  -9.701  -7.876  1.00 19.67 ? 340 PRO A CD  1 
ATOM   254 N N   . GLU A 1 47  ? -4.297  -10.228 -4.271  1.00 20.00 ? 341 GLU A N   1 
ATOM   255 C CA  . GLU A 1 47  ? -3.956  -10.798 -2.975  1.00 21.05 ? 341 GLU A CA  1 
ATOM   256 C C   . GLU A 1 47  ? -2.606  -10.282 -2.475  1.00 20.07 ? 341 GLU A C   1 
ATOM   257 O O   . GLU A 1 47  ? -2.459  -9.934  -1.300  1.00 21.04 ? 341 GLU A O   1 
ATOM   258 C CB  . GLU A 1 47  ? -3.941  -12.329 -3.063  1.00 23.46 ? 341 GLU A CB  1 
ATOM   259 C CG  . GLU A 1 47  ? -5.322  -12.953 -3.284  1.00 29.92 ? 341 GLU A CG  1 
ATOM   260 C CD  . GLU A 1 47  ? -5.866  -12.770 -4.698  1.00 32.36 ? 341 GLU A CD  1 
ATOM   261 O OE1 . GLU A 1 47  ? -7.095  -12.918 -4.878  1.00 37.30 ? 341 GLU A OE1 1 
ATOM   262 O OE2 . GLU A 1 47  ? -5.080  -12.498 -5.631  1.00 33.84 ? 341 GLU A OE2 1 
ATOM   263 N N   . VAL A 1 48  ? -1.620  -10.232 -3.364  1.00 19.67 ? 342 VAL A N   1 
ATOM   264 C CA  . VAL A 1 48  ? -0.292  -9.742  -3.012  1.00 20.04 ? 342 VAL A CA  1 
ATOM   265 C C   . VAL A 1 48  ? -0.387  -8.254  -2.672  1.00 18.54 ? 342 VAL A C   1 
ATOM   266 O O   . VAL A 1 48  ? 0.207   -7.774  -1.702  1.00 18.79 ? 342 VAL A O   1 
ATOM   267 C CB  . VAL A 1 48  ? 0.696   -9.941  -4.186  1.00 21.73 ? 342 VAL A CB  1 
ATOM   268 C CG1 . VAL A 1 48  ? 1.989   -9.189  -3.922  1.00 22.60 ? 342 VAL A CG1 1 
ATOM   269 C CG2 . VAL A 1 48  ? 0.982   -11.429 -4.369  1.00 23.43 ? 342 VAL A CG2 1 
ATOM   270 N N   . TYR A 1 49  ? -1.137  -7.525  -3.489  1.00 17.25 ? 343 TYR A N   1 
ATOM   271 C CA  . TYR A 1 49  ? -1.338  -6.103  -3.282  1.00 15.53 ? 343 TYR A CA  1 
ATOM   272 C C   . TYR A 1 49  ? -1.895  -5.816  -1.893  1.00 16.46 ? 343 TYR A C   1 
ATOM   273 O O   . TYR A 1 49  ? -1.379  -4.959  -1.176  1.00 15.32 ? 343 TYR A O   1 
ATOM   274 C CB  . TYR A 1 49  ? -2.293  -5.554  -4.342  1.00 15.30 ? 343 TYR A CB  1 
ATOM   275 C CG  . TYR A 1 49  ? -2.737  -4.141  -4.069  1.00 13.67 ? 343 TYR A CG  1 
ATOM   276 C CD1 . TYR A 1 49  ? -4.021  -3.866  -3.597  1.00 14.93 ? 343 TYR A CD1 1 
ATOM   277 C CD2 . TYR A 1 49  ? -1.854  -3.076  -4.240  1.00 15.24 ? 343 TYR A CD2 1 
ATOM   278 C CE1 . TYR A 1 49  ? -4.411  -2.560  -3.297  1.00 16.31 ? 343 TYR A CE1 1 
ATOM   279 C CE2 . TYR A 1 49  ? -2.230  -1.772  -3.944  1.00 15.98 ? 343 TYR A CE2 1 
ATOM   280 C CZ  . TYR A 1 49  ? -3.508  -1.522  -3.473  1.00 14.80 ? 343 TYR A CZ  1 
ATOM   281 O OH  . TYR A 1 49  ? -3.870  -0.233  -3.171  1.00 16.20 ? 343 TYR A OH  1 
ATOM   282 N N   . MET A 1 50  ? -2.949  -6.526  -1.514  1.00 16.87 ? 344 MET A N   1 
ATOM   283 C CA  . MET A 1 50  ? -3.553  -6.309  -0.206  1.00 17.51 ? 344 MET A CA  1 
ATOM   284 C C   . MET A 1 50  ? -2.590  -6.622  0.931   1.00 17.82 ? 344 MET A C   1 
ATOM   285 O O   . MET A 1 50  ? -2.591  -5.939  1.956   1.00 17.22 ? 344 MET A O   1 
ATOM   286 C CB  . MET A 1 50  ? -4.833  -7.138  -0.070  1.00 19.00 ? 344 MET A CB  1 
ATOM   287 C CG  . MET A 1 50  ? -5.971  -6.615  -0.933  1.00 19.54 ? 344 MET A CG  1 
ATOM   288 S SD  . MET A 1 50  ? -7.507  -7.548  -0.775  1.00 28.16 ? 344 MET A SD  1 
ATOM   289 C CE  . MET A 1 50  ? -8.018  -7.093  0.867   1.00 28.09 ? 344 MET A CE  1 
ATOM   290 N N   . ARG A 1 51  ? -1.755  -7.640  0.754   1.00 17.27 ? 345 ARG A N   1 
ATOM   291 C CA  . ARG A 1 51  ? -0.792  -7.982  1.793   1.00 19.67 ? 345 ARG A CA  1 
ATOM   292 C C   . ARG A 1 51  ? 0.151   -6.807  2.043   1.00 17.82 ? 345 ARG A C   1 
ATOM   293 O O   . ARG A 1 51  ? 0.317   -6.369  3.177   1.00 18.34 ? 345 ARG A O   1 
ATOM   294 C CB  . ARG A 1 51  ? 0.021   -9.221  1.399   1.00 22.90 ? 345 ARG A CB  1 
ATOM   295 C CG  . ARG A 1 51  ? -0.461  -10.530 2.020   1.00 32.53 ? 345 ARG A CG  1 
ATOM   296 C CD  . ARG A 1 51  ? -1.589  -11.192 1.235   1.00 37.42 ? 345 ARG A CD  1 
ATOM   297 N NE  . ARG A 1 51  ? -2.853  -10.461 1.305   1.00 42.04 ? 345 ARG A NE  1 
ATOM   298 C CZ  . ARG A 1 51  ? -3.996  -10.904 0.789   1.00 41.76 ? 345 ARG A CZ  1 
ATOM   299 N NH1 . ARG A 1 51  ? -4.034  -12.075 0.167   1.00 45.50 ? 345 ARG A NH1 1 
ATOM   300 N NH2 . ARG A 1 51  ? -5.102  -10.180 0.893   1.00 44.37 ? 345 ARG A NH2 1 
ATOM   301 N N   . TYR A 1 52  ? 0.762   -6.289  0.982   1.00 16.22 ? 346 TYR A N   1 
ATOM   302 C CA  . TYR A 1 52  ? 1.685   -5.165  1.117   1.00 16.48 ? 346 TYR A CA  1 
ATOM   303 C C   . TYR A 1 52  ? 0.995   -3.902  1.605   1.00 15.42 ? 346 TYR A C   1 
ATOM   304 O O   . TYR A 1 52  ? 1.483   -3.213  2.506   1.00 15.21 ? 346 TYR A O   1 
ATOM   305 C CB  . TYR A 1 52  ? 2.360   -4.843  -0.220  1.00 18.79 ? 346 TYR A CB  1 
ATOM   306 C CG  . TYR A 1 52  ? 3.224   -5.942  -0.789  1.00 25.37 ? 346 TYR A CG  1 
ATOM   307 C CD1 . TYR A 1 52  ? 3.924   -6.813  0.043   1.00 28.74 ? 346 TYR A CD1 1 
ATOM   308 C CD2 . TYR A 1 52  ? 3.379   -6.080  -2.166  1.00 28.21 ? 346 TYR A CD2 1 
ATOM   309 C CE1 . TYR A 1 52  ? 4.762   -7.799  -0.482  1.00 32.38 ? 346 TYR A CE1 1 
ATOM   310 C CE2 . TYR A 1 52  ? 4.215   -7.059  -2.703  1.00 31.36 ? 346 TYR A CE2 1 
ATOM   311 C CZ  . TYR A 1 52  ? 4.902   -7.911  -1.855  1.00 32.46 ? 346 TYR A CZ  1 
ATOM   312 O OH  . TYR A 1 52  ? 5.731   -8.874  -2.384  1.00 37.01 ? 346 TYR A OH  1 
ATOM   313 N N   . ARG A 1 53  ? -0.137  -3.594  0.989   1.00 13.74 ? 347 ARG A N   1 
ATOM   314 C CA  . ARG A 1 53  ? -0.900  -2.411  1.331   1.00 13.87 ? 347 ARG A CA  1 
ATOM   315 C C   . ARG A 1 53  ? -1.330  -2.405  2.787   1.00 14.02 ? 347 ARG A C   1 
ATOM   316 O O   . ARG A 1 53  ? -1.106  -1.429  3.509   1.00 13.94 ? 347 ARG A O   1 
ATOM   317 C CB  . ARG A 1 53  ? -2.138  -2.325  0.445   1.00 13.96 ? 347 ARG A CB  1 
ATOM   318 C CG  . ARG A 1 53  ? -3.001  -1.120  0.732   1.00 13.70 ? 347 ARG A CG  1 
ATOM   319 C CD  . ARG A 1 53  ? -4.393  -1.306  0.160   1.00 13.41 ? 347 ARG A CD  1 
ATOM   320 N NE  . ARG A 1 53  ? -5.146  -2.312  0.903   1.00 15.05 ? 347 ARG A NE  1 
ATOM   321 C CZ  . ARG A 1 53  ? -6.350  -2.753  0.556   1.00 16.46 ? 347 ARG A CZ  1 
ATOM   322 N NH1 . ARG A 1 53  ? -6.949  -2.285  -0.529  1.00 15.88 ? 347 ARG A NH1 1 
ATOM   323 N NH2 . ARG A 1 53  ? -6.956  -3.666  1.304   1.00 16.03 ? 347 ARG A NH2 1 
ATOM   324 N N   . ASN A 1 54  ? -1.972  -3.488  3.213   1.00 14.43 ? 348 ASN A N   1 
ATOM   325 C CA  . ASN A 1 54  ? -2.448  -3.570  4.586   1.00 15.09 ? 348 ASN A CA  1 
ATOM   326 C C   . ASN A 1 54  ? -1.301  -3.473  5.584   1.00 15.30 ? 348 ASN A C   1 
ATOM   327 O O   . ASN A 1 54  ? -1.459  -2.889  6.655   1.00 14.65 ? 348 ASN A O   1 
ATOM   328 C CB  . ASN A 1 54  ? -3.247  -4.864  4.813   1.00 16.02 ? 348 ASN A CB  1 
ATOM   329 C CG  . ASN A 1 54  ? -4.625  -4.842  4.146   1.00 18.44 ? 348 ASN A CG  1 
ATOM   330 O OD1 . ASN A 1 54  ? -5.437  -5.752  4.347   1.00 21.56 ? 348 ASN A OD1 1 
ATOM   331 N ND2 . ASN A 1 54  ? -4.892  -3.817  3.352   1.00 14.38 ? 348 ASN A ND2 1 
ATOM   332 N N   . PHE A 1 55  ? -0.140  -4.031  5.251   1.00 13.97 ? 349 PHE A N   1 
ATOM   333 C CA  . PHE A 1 55  ? 0.976   -3.928  6.181   1.00 14.50 ? 349 PHE A CA  1 
ATOM   334 C C   . PHE A 1 55  ? 1.345   -2.463  6.404   1.00 14.83 ? 349 PHE A C   1 
ATOM   335 O O   . PHE A 1 55  ? 1.574   -2.040  7.535   1.00 15.16 ? 349 PHE A O   1 
ATOM   336 C CB  . PHE A 1 55  ? 2.213   -4.677  5.680   1.00 16.63 ? 349 PHE A CB  1 
ATOM   337 C CG  . PHE A 1 55  ? 3.368   -4.601  6.634   1.00 17.80 ? 349 PHE A CG  1 
ATOM   338 C CD1 . PHE A 1 55  ? 3.400   -5.406  7.767   1.00 19.54 ? 349 PHE A CD1 1 
ATOM   339 C CD2 . PHE A 1 55  ? 4.379   -3.667  6.449   1.00 19.82 ? 349 PHE A CD2 1 
ATOM   340 C CE1 . PHE A 1 55  ? 4.421   -5.280  8.705   1.00 21.50 ? 349 PHE A CE1 1 
ATOM   341 C CE2 . PHE A 1 55  ? 5.407   -3.532  7.383   1.00 20.39 ? 349 PHE A CE2 1 
ATOM   342 C CZ  . PHE A 1 55  ? 5.424   -4.341  8.512   1.00 21.40 ? 349 PHE A CZ  1 
ATOM   343 N N   . MET A 1 56  ? 1.418   -1.688  5.327   1.00 13.94 ? 350 MET A N   1 
ATOM   344 C CA  . MET A 1 56  ? 1.763   -0.276  5.456   1.00 14.26 ? 350 MET A CA  1 
ATOM   345 C C   . MET A 1 56  ? 0.705   0.510   6.222   1.00 14.04 ? 350 MET A C   1 
ATOM   346 O O   . MET A 1 56  ? 1.036   1.284   7.123   1.00 14.98 ? 350 MET A O   1 
ATOM   347 C CB  . MET A 1 56  ? 1.980   0.356   4.076   1.00 14.45 ? 350 MET A CB  1 
ATOM   348 C CG  . MET A 1 56  ? 3.159   -0.227  3.314   1.00 13.94 ? 350 MET A CG  1 
ATOM   349 S SD  . MET A 1 56  ? 3.565   0.782   1.877   1.00 16.70 ? 350 MET A SD  1 
ATOM   350 C CE  . MET A 1 56  ? 4.615   -0.344  0.950   1.00 18.42 ? 350 MET A CE  1 
ATOM   351 N N   . VAL A 1 57  ? -0.562  0.314   5.869   1.00 14.40 ? 351 VAL A N   1 
ATOM   352 C CA  . VAL A 1 57  ? -1.646  1.025   6.540   1.00 14.42 ? 351 VAL A CA  1 
ATOM   353 C C   . VAL A 1 57  ? -1.740  0.634   8.016   1.00 15.38 ? 351 VAL A C   1 
ATOM   354 O O   . VAL A 1 57  ? -1.849  1.503   8.886   1.00 15.05 ? 351 VAL A O   1 
ATOM   355 C CB  . VAL A 1 57  ? -2.990  0.770   5.834   1.00 13.61 ? 351 VAL A CB  1 
ATOM   356 C CG1 . VAL A 1 57  ? -4.138  1.397   6.637   1.00 16.38 ? 351 VAL A CG1 1 
ATOM   357 C CG2 . VAL A 1 57  ? -2.947  1.366   4.428   1.00 15.34 ? 351 VAL A CG2 1 
ATOM   358 N N   . ASN A 1 58  ? -1.686  -0.663  8.305   1.00 14.27 ? 352 ASN A N   1 
ATOM   359 C CA  . ASN A 1 58  ? -1.746  -1.122  9.691   1.00 14.92 ? 352 ASN A CA  1 
ATOM   360 C C   . ASN A 1 58  ? -0.552  -0.580  10.485  1.00 15.92 ? 352 ASN A C   1 
ATOM   361 O O   . ASN A 1 58  ? -0.701  -0.186  11.648  1.00 16.82 ? 352 ASN A O   1 
ATOM   362 C CB  . ASN A 1 58  ? -1.753  -2.657  9.756   1.00 15.65 ? 352 ASN A CB  1 
ATOM   363 C CG  . ASN A 1 58  ? -3.083  -3.270  9.314   1.00 16.64 ? 352 ASN A CG  1 
ATOM   364 O OD1 . ASN A 1 58  ? -3.130  -4.427  8.897   1.00 20.74 ? 352 ASN A OD1 1 
ATOM   365 N ND2 . ASN A 1 58  ? -4.160  -2.510  9.426   1.00 17.60 ? 352 ASN A ND2 1 
ATOM   366 N N   . SER A 1 59  ? 0.631   -0.560  9.872   1.00 14.67 ? 353 SER A N   1 
ATOM   367 C CA  . SER A 1 59  ? 1.818   -0.050  10.558  1.00 16.11 ? 353 SER A CA  1 
ATOM   368 C C   . SER A 1 59  ? 1.664   1.426   10.891  1.00 16.58 ? 353 SER A C   1 
ATOM   369 O O   . SER A 1 59  ? 1.959   1.856   12.006  1.00 18.13 ? 353 SER A O   1 
ATOM   370 C CB  . SER A 1 59  ? 3.077   -0.245  9.703   1.00 15.06 ? 353 SER A CB  1 
ATOM   371 O OG  . SER A 1 59  ? 3.433   -1.613  9.611   1.00 15.51 ? 353 SER A OG  1 
ATOM   372 N N   . TYR A 1 60  ? 1.199   2.214   9.932   1.00 16.28 ? 354 TYR A N   1 
ATOM   373 C CA  . TYR A 1 60  ? 1.032   3.632   10.194  1.00 17.54 ? 354 TYR A CA  1 
ATOM   374 C C   . TYR A 1 60  ? -0.012  3.892   11.276  1.00 18.94 ? 354 TYR A C   1 
ATOM   375 O O   . TYR A 1 60  ? 0.212   4.709   12.178  1.00 18.56 ? 354 TYR A O   1 
ATOM   376 C CB  . TYR A 1 60  ? 0.642   4.389   8.921   1.00 18.59 ? 354 TYR A CB  1 
ATOM   377 C CG  . TYR A 1 60  ? 0.395   5.845   9.220   1.00 18.01 ? 354 TYR A CG  1 
ATOM   378 C CD1 . TYR A 1 60  ? -0.900  6.352   9.315   1.00 18.48 ? 354 TYR A CD1 1 
ATOM   379 C CD2 . TYR A 1 60  ? 1.458   6.690   9.535   1.00 18.01 ? 354 TYR A CD2 1 
ATOM   380 C CE1 . TYR A 1 60  ? -1.130  7.667   9.729   1.00 19.64 ? 354 TYR A CE1 1 
ATOM   381 C CE2 . TYR A 1 60  ? 1.242   8.001   9.951   1.00 19.42 ? 354 TYR A CE2 1 
ATOM   382 C CZ  . TYR A 1 60  ? -0.051  8.481   10.046  1.00 19.06 ? 354 TYR A CZ  1 
ATOM   383 O OH  . TYR A 1 60  ? -0.267  9.773   10.476  1.00 23.28 ? 354 TYR A OH  1 
ATOM   384 N N   . ARG A 1 61  ? -1.144  3.199   11.191  1.00 18.68 ? 355 ARG A N   1 
ATOM   385 C CA  . ARG A 1 61  ? -2.219  3.383   12.160  1.00 19.56 ? 355 ARG A CA  1 
ATOM   386 C C   . ARG A 1 61  ? -1.800  3.038   13.583  1.00 21.62 ? 355 ARG A C   1 
ATOM   387 O O   . ARG A 1 61  ? -2.414  3.513   14.540  1.00 22.59 ? 355 ARG A O   1 
ATOM   388 C CB  . ARG A 1 61  ? -3.458  2.578   11.748  1.00 19.61 ? 355 ARG A CB  1 
ATOM   389 C CG  . ARG A 1 61  ? -4.140  3.138   10.504  1.00 22.12 ? 355 ARG A CG  1 
ATOM   390 C CD  . ARG A 1 61  ? -5.393  2.368   10.137  1.00 24.18 ? 355 ARG A CD  1 
ATOM   391 N NE  . ARG A 1 61  ? -6.030  2.929   8.947   1.00 24.89 ? 355 ARG A NE  1 
ATOM   392 C CZ  . ARG A 1 61  ? -7.133  2.445   8.385   1.00 25.97 ? 355 ARG A CZ  1 
ATOM   393 N NH1 . ARG A 1 61  ? -7.737  1.382   8.901   1.00 27.98 ? 355 ARG A NH1 1 
ATOM   394 N NH2 . ARG A 1 61  ? -7.637  3.026   7.305   1.00 26.37 ? 355 ARG A NH2 1 
ATOM   395 N N   . LEU A 1 62  ? -0.757  2.225   13.733  1.00 20.88 ? 356 LEU A N   1 
ATOM   396 C CA  . LEU A 1 62  ? -0.278  1.873   15.066  1.00 23.04 ? 356 LEU A CA  1 
ATOM   397 C C   . LEU A 1 62  ? 0.373   3.076   15.743  1.00 24.42 ? 356 LEU A C   1 
ATOM   398 O O   . LEU A 1 62  ? 0.262   3.249   16.956  1.00 26.60 ? 356 LEU A O   1 
ATOM   399 C CB  . LEU A 1 62  ? 0.745   0.736   15.004  1.00 24.12 ? 356 LEU A CB  1 
ATOM   400 C CG  . LEU A 1 62  ? 0.248   -0.708  15.011  1.00 24.62 ? 356 LEU A CG  1 
ATOM   401 C CD1 . LEU A 1 62  ? 1.458   -1.632  15.096  1.00 26.10 ? 356 LEU A CD1 1 
ATOM   402 C CD2 . LEU A 1 62  ? -0.674  -0.947  16.204  1.00 26.02 ? 356 LEU A CD2 1 
ATOM   403 N N   . ASN A 1 63  ? 1.058   3.898   14.955  1.00 24.60 ? 357 ASN A N   1 
ATOM   404 C CA  . ASN A 1 63  ? 1.740   5.084   15.470  1.00 25.15 ? 357 ASN A CA  1 
ATOM   405 C C   . ASN A 1 63  ? 1.609   6.229   14.469  1.00 24.87 ? 357 ASN A C   1 
ATOM   406 O O   . ASN A 1 63  ? 2.573   6.590   13.793  1.00 25.83 ? 357 ASN A O   1 
ATOM   407 C CB  . ASN A 1 63  ? 3.219   4.770   15.711  1.00 26.40 ? 357 ASN A CB  1 
ATOM   408 C CG  . ASN A 1 63  ? 3.423   3.716   16.783  1.00 28.80 ? 357 ASN A CG  1 
ATOM   409 O OD1 . ASN A 1 63  ? 3.195   3.966   17.967  1.00 29.91 ? 357 ASN A OD1 1 
ATOM   410 N ND2 . ASN A 1 63  ? 3.846   2.527   16.371  1.00 27.57 ? 357 ASN A ND2 1 
ATOM   411 N N   . PRO A 1 64  ? 0.411   6.829   14.382  1.00 25.83 ? 358 PRO A N   1 
ATOM   412 C CA  . PRO A 1 64  ? 0.082   7.939   13.479  1.00 26.55 ? 358 PRO A CA  1 
ATOM   413 C C   . PRO A 1 64  ? 0.953   9.181   13.637  1.00 26.76 ? 358 PRO A C   1 
ATOM   414 O O   . PRO A 1 64  ? 1.070   9.987   12.713  1.00 26.45 ? 358 PRO A O   1 
ATOM   415 C CB  . PRO A 1 64  ? -1.383  8.232   13.807  1.00 28.59 ? 358 PRO A CB  1 
ATOM   416 C CG  . PRO A 1 64  ? -1.887  6.944   14.385  1.00 29.86 ? 358 PRO A CG  1 
ATOM   417 C CD  . PRO A 1 64  ? -0.741  6.510   15.242  1.00 26.03 ? 358 PRO A CD  1 
ATOM   418 N N   . ASN A 1 65  ? 1.553   9.339   14.811  1.00 28.26 ? 359 ASN A N   1 
ATOM   419 C CA  . ASN A 1 65  ? 2.402   10.493  15.090  1.00 29.65 ? 359 ASN A CA  1 
ATOM   420 C C   . ASN A 1 65  ? 3.757   10.390  14.398  1.00 30.63 ? 359 ASN A C   1 
ATOM   421 O O   . ASN A 1 65  ? 4.451   11.391  14.218  1.00 31.21 ? 359 ASN A O   1 
ATOM   422 C CB  . ASN A 1 65  ? 2.599   10.623  16.601  1.00 33.03 ? 359 ASN A CB  1 
ATOM   423 C CG  . ASN A 1 65  ? 3.246   9.394   17.207  1.00 35.04 ? 359 ASN A CG  1 
ATOM   424 O OD1 . ASN A 1 65  ? 4.469   9.247   17.188  1.00 39.89 ? 359 ASN A OD1 1 
ATOM   425 N ND2 . ASN A 1 65  ? 2.424   8.490   17.733  1.00 38.98 ? 359 ASN A ND2 1 
ATOM   426 N N   . GLU A 1 66  ? 4.127   9.174   14.013  1.00 29.93 ? 360 GLU A N   1 
ATOM   427 C CA  . GLU A 1 66  ? 5.402   8.929   13.351  1.00 29.84 ? 360 GLU A CA  1 
ATOM   428 C C   . GLU A 1 66  ? 5.246   8.755   11.846  1.00 27.78 ? 360 GLU A C   1 
ATOM   429 O O   . GLU A 1 66  ? 4.228   8.251   11.368  1.00 26.20 ? 360 GLU A O   1 
ATOM   430 C CB  . GLU A 1 66  ? 6.059   7.677   13.932  1.00 33.17 ? 360 GLU A CB  1 
ATOM   431 C CG  . GLU A 1 66  ? 6.455   7.802   15.392  1.00 39.09 ? 360 GLU A CG  1 
ATOM   432 C CD  . GLU A 1 66  ? 6.919   6.484   15.977  1.00 42.27 ? 360 GLU A CD  1 
ATOM   433 O OE1 . GLU A 1 66  ? 7.773   5.822   15.349  1.00 45.18 ? 360 GLU A OE1 1 
ATOM   434 O OE2 . GLU A 1 66  ? 6.435   6.111   17.068  1.00 44.94 ? 360 GLU A OE2 1 
ATOM   435 N N   . TYR A 1 67  ? 6.259   9.180   11.101  1.00 26.13 ? 361 TYR A N   1 
ATOM   436 C CA  . TYR A 1 67  ? 6.225   9.049   9.653   1.00 24.13 ? 361 TYR A CA  1 
ATOM   437 C C   . TYR A 1 67  ? 6.636   7.632   9.271   1.00 22.99 ? 361 TYR A C   1 
ATOM   438 O O   . TYR A 1 67  ? 7.727   7.182   9.614   1.00 25.30 ? 361 TYR A O   1 
ATOM   439 C CB  . TYR A 1 67  ? 7.170   10.060  8.996   1.00 24.81 ? 361 TYR A CB  1 
ATOM   440 C CG  . TYR A 1 67  ? 7.087   10.071  7.483   1.00 24.65 ? 361 TYR A CG  1 
ATOM   441 C CD1 . TYR A 1 67  ? 7.869   9.211   6.712   1.00 24.68 ? 361 TYR A CD1 1 
ATOM   442 C CD2 . TYR A 1 67  ? 6.191   10.911  6.824   1.00 24.12 ? 361 TYR A CD2 1 
ATOM   443 C CE1 . TYR A 1 67  ? 7.760   9.187   5.324   1.00 24.75 ? 361 TYR A CE1 1 
ATOM   444 C CE2 . TYR A 1 67  ? 6.073   10.894  5.435   1.00 24.97 ? 361 TYR A CE2 1 
ATOM   445 C CZ  . TYR A 1 67  ? 6.860   10.028  4.694   1.00 24.61 ? 361 TYR A CZ  1 
ATOM   446 O OH  . TYR A 1 67  ? 6.746   10.005  3.323   1.00 25.58 ? 361 TYR A OH  1 
ATOM   447 N N   . PHE A 1 68  ? 5.743   6.928   8.580   1.00 20.16 ? 362 PHE A N   1 
ATOM   448 C CA  . PHE A 1 68  ? 6.022   5.568   8.130   1.00 18.55 ? 362 PHE A CA  1 
ATOM   449 C C   . PHE A 1 68  ? 6.776   5.717   6.813   1.00 17.17 ? 362 PHE A C   1 
ATOM   450 O O   . PHE A 1 68  ? 6.223   6.202   5.821   1.00 17.87 ? 362 PHE A O   1 
ATOM   451 C CB  . PHE A 1 68  ? 4.721   4.796   7.909   1.00 17.82 ? 362 PHE A CB  1 
ATOM   452 C CG  . PHE A 1 68  ? 4.932   3.400   7.407   1.00 15.64 ? 362 PHE A CG  1 
ATOM   453 C CD1 . PHE A 1 68  ? 5.409   2.407   8.258   1.00 17.61 ? 362 PHE A CD1 1 
ATOM   454 C CD2 . PHE A 1 68  ? 4.701   3.086   6.070   1.00 16.01 ? 362 PHE A CD2 1 
ATOM   455 C CE1 . PHE A 1 68  ? 5.653   1.121   7.782   1.00 16.66 ? 362 PHE A CE1 1 
ATOM   456 C CE2 . PHE A 1 68  ? 4.945   1.805   5.587   1.00 16.39 ? 362 PHE A CE2 1 
ATOM   457 C CZ  . PHE A 1 68  ? 5.423   0.823   6.441   1.00 16.05 ? 362 PHE A CZ  1 
ATOM   458 N N   . SER A 1 69  ? 8.029   5.283   6.804   1.00 17.29 ? 363 SER A N   1 
ATOM   459 C CA  . SER A 1 69  ? 8.887   5.433   5.631   1.00 16.42 ? 363 SER A CA  1 
ATOM   460 C C   . SER A 1 69  ? 8.977   4.258   4.670   1.00 17.78 ? 363 SER A C   1 
ATOM   461 O O   . SER A 1 69  ? 8.635   3.123   4.997   1.00 17.26 ? 363 SER A O   1 
ATOM   462 C CB  . SER A 1 69  ? 10.309  5.769   6.082   1.00 18.00 ? 363 SER A CB  1 
ATOM   463 O OG  . SER A 1 69  ? 10.892  4.649   6.727   1.00 20.13 ? 363 SER A OG  1 
ATOM   464 N N   . VAL A 1 70  ? 9.474   4.559   3.474   1.00 17.35 ? 364 VAL A N   1 
ATOM   465 C CA  . VAL A 1 70  ? 9.674   3.549   2.449   1.00 16.83 ? 364 VAL A CA  1 
ATOM   466 C C   . VAL A 1 70  ? 10.743  2.575   2.944   1.00 17.00 ? 364 VAL A C   1 
ATOM   467 O O   . VAL A 1 70  ? 10.644  1.367   2.735   1.00 17.31 ? 364 VAL A O   1 
ATOM   468 C CB  . VAL A 1 70  ? 10.137  4.203   1.132   1.00 16.42 ? 364 VAL A CB  1 
ATOM   469 C CG1 . VAL A 1 70  ? 10.628  3.136   0.158   1.00 17.67 ? 364 VAL A CG1 1 
ATOM   470 C CG2 . VAL A 1 70  ? 8.984   4.995   0.523   1.00 17.82 ? 364 VAL A CG2 1 
ATOM   471 N N   . THR A 1 71  ? 11.760  3.104   3.618   1.00 17.05 ? 365 THR A N   1 
ATOM   472 C CA  . THR A 1 71  ? 12.830  2.262   4.144   1.00 19.95 ? 365 THR A CA  1 
ATOM   473 C C   . THR A 1 71  ? 12.293  1.257   5.168   1.00 19.06 ? 365 THR A C   1 
ATOM   474 O O   . THR A 1 71  ? 12.667  0.084   5.148   1.00 18.71 ? 365 THR A O   1 
ATOM   475 C CB  . THR A 1 71  ? 13.947  3.122   4.777   1.00 21.06 ? 365 THR A CB  1 
ATOM   476 O OG1 . THR A 1 71  ? 14.602  3.873   3.745   1.00 23.63 ? 365 THR A OG1 1 
ATOM   477 C CG2 . THR A 1 71  ? 14.975  2.244   5.485   1.00 24.32 ? 365 THR A CG2 1 
ATOM   478 N N   . THR A 1 72  ? 11.412  1.711   6.053   1.00 18.35 ? 366 THR A N   1 
ATOM   479 C CA  . THR A 1 72  ? 10.836  0.814   7.052   1.00 19.27 ? 366 THR A CA  1 
ATOM   480 C C   . THR A 1 72  ? 10.019  -0.267  6.347   1.00 18.35 ? 366 THR A C   1 
ATOM   481 O O   . THR A 1 72  ? 10.092  -1.440  6.704   1.00 18.92 ? 366 THR A O   1 
ATOM   482 C CB  . THR A 1 72  ? 9.935   1.583   8.034   1.00 18.13 ? 366 THR A CB  1 
ATOM   483 O OG1 . THR A 1 72  ? 10.744  2.485   8.800   1.00 21.92 ? 366 THR A OG1 1 
ATOM   484 C CG2 . THR A 1 72  ? 9.221   0.621   8.981   1.00 20.51 ? 366 THR A CG2 1 
ATOM   485 N N   . ALA A 1 73  ? 9.244   0.132   5.343   1.00 17.36 ? 367 ALA A N   1 
ATOM   486 C CA  . ALA A 1 73  ? 8.440   -0.826  4.593   1.00 17.68 ? 367 ALA A CA  1 
ATOM   487 C C   . ALA A 1 73  ? 9.324   -1.915  3.975   1.00 19.11 ? 367 ALA A C   1 
ATOM   488 O O   . ALA A 1 73  ? 9.049   -3.104  4.130   1.00 19.17 ? 367 ALA A O   1 
ATOM   489 C CB  . ALA A 1 73  ? 7.652   -0.105  3.503   1.00 17.97 ? 367 ALA A CB  1 
ATOM   490 N N   . ARG A 1 74  ? 10.393  -1.509  3.288   1.00 20.05 ? 368 ARG A N   1 
ATOM   491 C CA  . ARG A 1 74  ? 11.296  -2.468  2.641   1.00 23.71 ? 368 ARG A CA  1 
ATOM   492 C C   . ARG A 1 74  ? 12.019  -3.371  3.630   1.00 22.86 ? 368 ARG A C   1 
ATOM   493 O O   . ARG A 1 74  ? 12.298  -4.535  3.336   1.00 22.73 ? 368 ARG A O   1 
ATOM   494 C CB  . ARG A 1 74  ? 12.353  -1.747  1.797   1.00 27.26 ? 368 ARG A CB  1 
ATOM   495 C CG  . ARG A 1 74  ? 11.815  -0.789  0.763   1.00 32.26 ? 368 ARG A CG  1 
ATOM   496 C CD  . ARG A 1 74  ? 12.862  -0.525  -0.314  1.00 35.34 ? 368 ARG A CD  1 
ATOM   497 N NE  . ARG A 1 74  ? 14.194  -0.269  0.232   1.00 36.70 ? 368 ARG A NE  1 
ATOM   498 C CZ  . ARG A 1 74  ? 14.495  0.750   1.029   1.00 37.73 ? 368 ARG A CZ  1 
ATOM   499 N NH1 . ARG A 1 74  ? 13.555  1.617   1.381   1.00 41.23 ? 368 ARG A NH1 1 
ATOM   500 N NH2 . ARG A 1 74  ? 15.737  0.909   1.467   1.00 38.08 ? 368 ARG A NH2 1 
ATOM   501 N N   . ARG A 1 75  ? 12.340  -2.824  4.795   1.00 21.73 ? 369 ARG A N   1 
ATOM   502 C CA  . ARG A 1 75  ? 13.038  -3.580  5.822   1.00 23.97 ? 369 ARG A CA  1 
ATOM   503 C C   . ARG A 1 75  ? 12.125  -4.605  6.495   1.00 22.81 ? 369 ARG A C   1 
ATOM   504 O O   . ARG A 1 75  ? 12.583  -5.665  6.924   1.00 23.64 ? 369 ARG A O   1 
ATOM   505 C CB  . ARG A 1 75  ? 13.592  -2.611  6.867   1.00 28.15 ? 369 ARG A CB  1 
ATOM   506 C CG  . ARG A 1 75  ? 14.449  -3.245  7.947   1.00 34.69 ? 369 ARG A CG  1 
ATOM   507 C CD  . ARG A 1 75  ? 15.164  -2.159  8.738   1.00 39.68 ? 369 ARG A CD  1 
ATOM   508 N NE  . ARG A 1 75  ? 15.921  -1.274  7.853   1.00 43.58 ? 369 ARG A NE  1 
ATOM   509 C CZ  . ARG A 1 75  ? 16.571  -0.186  8.254   1.00 45.81 ? 369 ARG A CZ  1 
ATOM   510 N NH1 . ARG A 1 75  ? 16.563  0.165   9.533   1.00 47.30 ? 369 ARG A NH1 1 
ATOM   511 N NH2 . ARG A 1 75  ? 17.229  0.555   7.373   1.00 46.53 ? 369 ARG A NH2 1 
ATOM   512 N N   . ASN A 1 76  ? 10.832  -4.298  6.563   1.00 21.07 ? 370 ASN A N   1 
ATOM   513 C CA  . ASN A 1 76  ? 9.870   -5.178  7.225   1.00 21.58 ? 370 ASN A CA  1 
ATOM   514 C C   . ASN A 1 76  ? 9.096   -6.135  6.322   1.00 23.00 ? 370 ASN A C   1 
ATOM   515 O O   . ASN A 1 76  ? 8.653   -7.194  6.774   1.00 24.62 ? 370 ASN A O   1 
ATOM   516 C CB  . ASN A 1 76  ? 8.880   -4.335  8.032   1.00 18.96 ? 370 ASN A CB  1 
ATOM   517 C CG  . ASN A 1 76  ? 9.518   -3.676  9.246   1.00 18.10 ? 370 ASN A CG  1 
ATOM   518 O OD1 . ASN A 1 76  ? 8.882   -2.881  9.940   1.00 21.45 ? 370 ASN A OD1 1 
ATOM   519 N ND2 . ASN A 1 76  ? 10.777  -4.007  9.512   1.00 18.40 ? 370 ASN A ND2 1 
ATOM   520 N N   . VAL A 1 77  ? 8.928   -5.760  5.059   1.00 23.93 ? 371 VAL A N   1 
ATOM   521 C CA  . VAL A 1 77  ? 8.194   -6.573  4.094   1.00 26.57 ? 371 VAL A CA  1 
ATOM   522 C C   . VAL A 1 77  ? 9.104   -7.027  2.966   1.00 26.61 ? 371 VAL A C   1 
ATOM   523 O O   . VAL A 1 77  ? 9.847   -6.226  2.401   1.00 25.66 ? 371 VAL A O   1 
ATOM   524 C CB  . VAL A 1 77  ? 7.023   -5.775  3.464   1.00 27.65 ? 371 VAL A CB  1 
ATOM   525 C CG1 . VAL A 1 77  ? 6.418   -6.550  2.301   1.00 30.41 ? 371 VAL A CG1 1 
ATOM   526 C CG2 . VAL A 1 77  ? 5.969   -5.500  4.505   1.00 31.50 ? 371 VAL A CG2 1 
ATOM   527 N N   . SER A 1 78  ? 9.046   -8.313  2.640   1.00 27.19 ? 372 SER A N   1 
ATOM   528 C CA  . SER A 1 78  ? 9.854   -8.841  1.555   1.00 29.62 ? 372 SER A CA  1 
ATOM   529 C C   . SER A 1 78  ? 9.074   -8.636  0.265   1.00 28.50 ? 372 SER A C   1 
ATOM   530 O O   . SER A 1 78  ? 7.983   -9.180  0.091   1.00 31.67 ? 372 SER A O   1 
ATOM   531 C CB  . SER A 1 78  ? 10.134  -10.330 1.763   1.00 31.02 ? 372 SER A CB  1 
ATOM   532 O OG  . SER A 1 78  ? 10.994  -10.825 0.752   1.00 37.62 ? 372 SER A OG  1 
ATOM   533 N N   . GLY A 1 79  ? 9.633   -7.838  -0.634  1.00 28.06 ? 373 GLY A N   1 
ATOM   534 C CA  . GLY A 1 79  ? 8.967   -7.575  -1.893  1.00 26.80 ? 373 GLY A CA  1 
ATOM   535 C C   . GLY A 1 79  ? 9.777   -6.639  -2.764  1.00 25.03 ? 373 GLY A C   1 
ATOM   536 O O   . GLY A 1 79  ? 10.769  -6.063  -2.322  1.00 25.75 ? 373 GLY A O   1 
ATOM   537 N N   . ASP A 1 80  ? 9.350   -6.490  -4.009  1.00 23.73 ? 374 ASP A N   1 
ATOM   538 C CA  . ASP A 1 80  ? 10.033  -5.623  -4.957  1.00 21.92 ? 374 ASP A CA  1 
ATOM   539 C C   . ASP A 1 80  ? 10.070  -4.192  -4.414  1.00 19.67 ? 374 ASP A C   1 
ATOM   540 O O   . ASP A 1 80  ? 9.029   -3.575  -4.200  1.00 18.59 ? 374 ASP A O   1 
ATOM   541 C CB  . ASP A 1 80  ? 9.298   -5.663  -6.293  1.00 23.94 ? 374 ASP A CB  1 
ATOM   542 C CG  . ASP A 1 80  ? 10.033  -4.930  -7.376  1.00 26.67 ? 374 ASP A CG  1 
ATOM   543 O OD1 . ASP A 1 80  ? 11.087  -5.429  -7.820  1.00 30.32 ? 374 ASP A OD1 1 
ATOM   544 O OD2 . ASP A 1 80  ? 9.563   -3.848  -7.778  1.00 30.87 ? 374 ASP A OD2 1 
ATOM   545 N N   . ALA A 1 81  ? 11.273  -3.661  -4.214  1.00 18.52 ? 375 ALA A N   1 
ATOM   546 C CA  . ALA A 1 81  ? 11.433  -2.313  -3.668  1.00 17.16 ? 375 ALA A CA  1 
ATOM   547 C C   . ALA A 1 81  ? 10.753  -1.217  -4.478  1.00 15.96 ? 375 ALA A C   1 
ATOM   548 O O   . ALA A 1 81  ? 10.187  -0.277  -3.915  1.00 17.15 ? 375 ALA A O   1 
ATOM   549 C CB  . ALA A 1 81  ? 12.910  -1.985  -3.511  1.00 19.15 ? 375 ALA A CB  1 
ATOM   550 N N   . ALA A 1 82  ? 10.830  -1.313  -5.800  1.00 16.36 ? 376 ALA A N   1 
ATOM   551 C CA  . ALA A 1 82  ? 10.207  -0.304  -6.640  1.00 16.40 ? 376 ALA A CA  1 
ATOM   552 C C   . ALA A 1 82  ? 8.684   -0.351  -6.489  1.00 14.90 ? 376 ALA A C   1 
ATOM   553 O O   . ALA A 1 82  ? 8.030   0.690   -6.418  1.00 15.27 ? 376 ALA A O   1 
ATOM   554 C CB  . ALA A 1 82  ? 10.612  -0.508  -8.099  1.00 17.48 ? 376 ALA A CB  1 
ATOM   555 N N   . ALA A 1 83  ? 8.124   -1.556  -6.426  1.00 15.36 ? 377 ALA A N   1 
ATOM   556 C CA  . ALA A 1 83  ? 6.683   -1.703  -6.261  1.00 15.56 ? 377 ALA A CA  1 
ATOM   557 C C   . ALA A 1 83  ? 6.265   -1.166  -4.889  1.00 15.38 ? 377 ALA A C   1 
ATOM   558 O O   . ALA A 1 83  ? 5.232   -0.514  -4.763  1.00 14.39 ? 377 ALA A O   1 
ATOM   559 C CB  . ALA A 1 83  ? 6.283   -3.173  -6.410  1.00 17.55 ? 377 ALA A CB  1 
ATOM   560 N N   . LEU A 1 84  ? 7.067   -1.437  -3.861  1.00 14.89 ? 378 LEU A N   1 
ATOM   561 C CA  . LEU A 1 84  ? 6.749   -0.942  -2.523  1.00 14.97 ? 378 LEU A CA  1 
ATOM   562 C C   . LEU A 1 84  ? 6.802   0.582   -2.501  1.00 14.03 ? 378 LEU A C   1 
ATOM   563 O O   . LEU A 1 84  ? 5.971   1.236   -1.871  1.00 14.34 ? 378 LEU A O   1 
ATOM   564 C CB  . LEU A 1 84  ? 7.714   -1.521  -1.485  1.00 17.84 ? 378 LEU A CB  1 
ATOM   565 C CG  . LEU A 1 84  ? 7.563   -3.025  -1.235  1.00 18.35 ? 378 LEU A CG  1 
ATOM   566 C CD1 . LEU A 1 84  ? 8.625   -3.487  -0.245  1.00 21.14 ? 378 LEU A CD1 1 
ATOM   567 C CD2 . LEU A 1 84  ? 6.166   -3.324  -0.704  1.00 19.66 ? 378 LEU A CD2 1 
ATOM   568 N N   . PHE A 1 85  ? 7.774   1.152   -3.203  1.00 14.18 ? 379 PHE A N   1 
ATOM   569 C CA  . PHE A 1 85  ? 7.895   2.600   -3.278  1.00 14.36 ? 379 PHE A CA  1 
ATOM   570 C C   . PHE A 1 85  ? 6.644   3.186   -3.932  1.00 13.48 ? 379 PHE A C   1 
ATOM   571 O O   . PHE A 1 85  ? 6.085   4.168   -3.448  1.00 13.74 ? 379 PHE A O   1 
ATOM   572 C CB  . PHE A 1 85  ? 9.131   2.998   -4.095  1.00 15.29 ? 379 PHE A CB  1 
ATOM   573 C CG  . PHE A 1 85  ? 9.119   4.430   -4.529  1.00 14.19 ? 379 PHE A CG  1 
ATOM   574 C CD1 . PHE A 1 85  ? 9.319   5.458   -3.611  1.00 14.02 ? 379 PHE A CD1 1 
ATOM   575 C CD2 . PHE A 1 85  ? 8.830   4.760   -5.847  1.00 14.87 ? 379 PHE A CD2 1 
ATOM   576 C CE1 . PHE A 1 85  ? 9.226   6.790   -4.001  1.00 14.47 ? 379 PHE A CE1 1 
ATOM   577 C CE2 . PHE A 1 85  ? 8.735   6.087   -6.246  1.00 16.85 ? 379 PHE A CE2 1 
ATOM   578 C CZ  . PHE A 1 85  ? 8.931   7.105   -5.320  1.00 16.53 ? 379 PHE A CZ  1 
ATOM   579 N N   . ARG A 1 86  ? 6.207   2.588   -5.040  1.00 13.66 ? 380 ARG A N   1 
ATOM   580 C CA  . ARG A 1 86  ? 5.021   3.081   -5.735  1.00 14.55 ? 380 ARG A CA  1 
ATOM   581 C C   . ARG A 1 86  ? 3.771   2.952   -4.867  1.00 13.71 ? 380 ARG A C   1 
ATOM   582 O O   . ARG A 1 86  ? 2.912   3.833   -4.883  1.00 13.44 ? 380 ARG A O   1 
ATOM   583 C CB  . ARG A 1 86  ? 4.822   2.348   -7.072  1.00 13.99 ? 380 ARG A CB  1 
ATOM   584 C CG  . ARG A 1 86  ? 5.825   2.763   -8.157  1.00 16.30 ? 380 ARG A CG  1 
ATOM   585 C CD  . ARG A 1 86  ? 5.483   2.156   -9.520  1.00 16.39 ? 380 ARG A CD  1 
ATOM   586 N NE  . ARG A 1 86  ? 5.692   0.712   -9.575  1.00 17.76 ? 380 ARG A NE  1 
ATOM   587 C CZ  . ARG A 1 86  ? 6.853   0.123   -9.854  1.00 16.66 ? 380 ARG A CZ  1 
ATOM   588 N NH1 . ARG A 1 86  ? 7.931   0.855   -10.113 1.00 20.88 ? 380 ARG A NH1 1 
ATOM   589 N NH2 . ARG A 1 86  ? 6.936   -1.199  -9.876  1.00 18.22 ? 380 ARG A NH2 1 
ATOM   590 N N   . LEU A 1 87  ? 3.678   1.864   -4.105  1.00 12.70 ? 381 LEU A N   1 
ATOM   591 C CA  . LEU A 1 87  ? 2.530   1.654   -3.222  1.00 14.07 ? 381 LEU A CA  1 
ATOM   592 C C   . LEU A 1 87  ? 2.535   2.739   -2.139  1.00 13.80 ? 381 LEU A C   1 
ATOM   593 O O   . LEU A 1 87  ? 1.503   3.356   -1.846  1.00 14.37 ? 381 LEU A O   1 
ATOM   594 C CB  . LEU A 1 87  ? 2.610   0.263   -2.586  1.00 15.36 ? 381 LEU A CB  1 
ATOM   595 C CG  . LEU A 1 87  ? 1.315   -0.551  -2.454  1.00 20.65 ? 381 LEU A CG  1 
ATOM   596 C CD1 . LEU A 1 87  ? 1.591   -1.747  -1.553  1.00 21.74 ? 381 LEU A CD1 1 
ATOM   597 C CD2 . LEU A 1 87  ? 0.184   0.290   -1.884  1.00 19.12 ? 381 LEU A CD2 1 
ATOM   598 N N   . HIS A 1 88  ? 3.705   2.981   -1.556  1.00 14.17 ? 382 HIS A N   1 
ATOM   599 C CA  . HIS A 1 88  ? 3.858   3.992   -0.517  1.00 14.06 ? 382 HIS A CA  1 
ATOM   600 C C   . HIS A 1 88  ? 3.496   5.377   -1.070  1.00 14.15 ? 382 HIS A C   1 
ATOM   601 O O   . HIS A 1 88  ? 2.827   6.167   -0.403  1.00 15.53 ? 382 HIS A O   1 
ATOM   602 C CB  . HIS A 1 88  ? 5.302   3.958   0.006   1.00 13.15 ? 382 HIS A CB  1 
ATOM   603 C CG  . HIS A 1 88  ? 5.572   4.884   1.152   1.00 14.27 ? 382 HIS A CG  1 
ATOM   604 N ND1 . HIS A 1 88  ? 5.737   6.243   0.994   1.00 15.11 ? 382 HIS A ND1 1 
ATOM   605 C CD2 . HIS A 1 88  ? 5.756   4.631   2.470   1.00 15.35 ? 382 HIS A CD2 1 
ATOM   606 C CE1 . HIS A 1 88  ? 6.016   6.788   2.166   1.00 16.83 ? 382 HIS A CE1 1 
ATOM   607 N NE2 . HIS A 1 88  ? 6.034   5.831   3.078   1.00 16.15 ? 382 HIS A NE2 1 
ATOM   608 N N   . LYS A 1 89  ? 3.918   5.662   -2.297  1.00 14.38 ? 383 LYS A N   1 
ATOM   609 C CA  . LYS A 1 89  ? 3.626   6.939   -2.941  1.00 16.88 ? 383 LYS A CA  1 
ATOM   610 C C   . LYS A 1 89  ? 2.112   7.105   -3.102  1.00 15.16 ? 383 LYS A C   1 
ATOM   611 O O   . LYS A 1 89  ? 1.563   8.178   -2.849  1.00 16.96 ? 383 LYS A O   1 
ATOM   612 C CB  . LYS A 1 89  ? 4.324   6.990   -4.303  1.00 17.30 ? 383 LYS A CB  1 
ATOM   613 C CG  . LYS A 1 89  ? 4.082   8.255   -5.106  1.00 21.68 ? 383 LYS A CG  1 
ATOM   614 C CD  . LYS A 1 89  ? 4.886   8.222   -6.403  1.00 25.86 ? 383 LYS A CD  1 
ATOM   615 C CE  . LYS A 1 89  ? 4.480   9.347   -7.341  1.00 31.19 ? 383 LYS A CE  1 
ATOM   616 N NZ  . LYS A 1 89  ? 4.660   10.682  -6.711  1.00 34.06 ? 383 LYS A NZ  1 
ATOM   617 N N   . PHE A 1 90  ? 1.441   6.033   -3.516  1.00 15.30 ? 384 PHE A N   1 
ATOM   618 C CA  . PHE A 1 90  ? -0.010  6.051   -3.690  1.00 15.79 ? 384 PHE A CA  1 
ATOM   619 C C   . PHE A 1 90  ? -0.725  6.285   -2.356  1.00 13.98 ? 384 PHE A C   1 
ATOM   620 O O   . PHE A 1 90  ? -1.610  7.144   -2.259  1.00 15.01 ? 384 PHE A O   1 
ATOM   621 C CB  . PHE A 1 90  ? -0.483  4.722   -4.277  1.00 15.19 ? 384 PHE A CB  1 
ATOM   622 C CG  . PHE A 1 90  ? -1.970  4.518   -4.190  1.00 14.47 ? 384 PHE A CG  1 
ATOM   623 C CD1 . PHE A 1 90  ? -2.828  5.160   -5.077  1.00 16.37 ? 384 PHE A CD1 1 
ATOM   624 C CD2 . PHE A 1 90  ? -2.516  3.721   -3.188  1.00 15.75 ? 384 PHE A CD2 1 
ATOM   625 C CE1 . PHE A 1 90  ? -4.216  5.012   -4.964  1.00 16.80 ? 384 PHE A CE1 1 
ATOM   626 C CE2 . PHE A 1 90  ? -3.897  3.570   -3.067  1.00 15.89 ? 384 PHE A CE2 1 
ATOM   627 C CZ  . PHE A 1 90  ? -4.747  4.214   -3.953  1.00 16.68 ? 384 PHE A CZ  1 
ATOM   628 N N   . LEU A 1 91  ? -0.342  5.526   -1.329  1.00 13.66 ? 385 LEU A N   1 
ATOM   629 C CA  . LEU A 1 91  ? -0.975  5.665   -0.021  1.00 15.84 ? 385 LEU A CA  1 
ATOM   630 C C   . LEU A 1 91  ? -0.758  7.059   0.552   1.00 16.91 ? 385 LEU A C   1 
ATOM   631 O O   . LEU A 1 91  ? -1.613  7.584   1.268   1.00 17.55 ? 385 LEU A O   1 
ATOM   632 C CB  . LEU A 1 91  ? -0.441  4.608   0.948   1.00 15.00 ? 385 LEU A CB  1 
ATOM   633 C CG  . LEU A 1 91  ? -0.744  3.154   0.568   1.00 15.17 ? 385 LEU A CG  1 
ATOM   634 C CD1 . LEU A 1 91  ? -0.057  2.213   1.556   1.00 16.23 ? 385 LEU A CD1 1 
ATOM   635 C CD2 . LEU A 1 91  ? -2.250  2.917   0.573   1.00 16.05 ? 385 LEU A CD2 1 
ATOM   636 N N   . THR A 1 92  ? 0.386   7.655   0.235   1.00 17.86 ? 386 THR A N   1 
ATOM   637 C CA  . THR A 1 92  ? 0.697   9.001   0.702   1.00 20.42 ? 386 THR A CA  1 
ATOM   638 C C   . THR A 1 92  ? -0.200  10.009  -0.013  1.00 19.91 ? 386 THR A C   1 
ATOM   639 O O   . THR A 1 92  ? -0.845  10.848  0.622   1.00 22.18 ? 386 THR A O   1 
ATOM   640 C CB  . THR A 1 92  ? 2.171   9.363   0.409   1.00 22.29 ? 386 THR A CB  1 
ATOM   641 O OG1 . THR A 1 92  ? 3.032   8.497   1.156   1.00 24.04 ? 386 THR A OG1 1 
ATOM   642 C CG2 . THR A 1 92  ? 2.459   10.813  0.792   1.00 24.31 ? 386 THR A CG2 1 
ATOM   643 N N   . LYS A 1 93  ? -0.237  9.915   -1.339  1.00 19.15 ? 387 LYS A N   1 
ATOM   644 C CA  . LYS A 1 93  ? -1.036  10.812  -2.165  1.00 20.26 ? 387 LYS A CA  1 
ATOM   645 C C   . LYS A 1 93  ? -2.506  10.830  -1.774  1.00 19.85 ? 387 LYS A C   1 
ATOM   646 O O   . LYS A 1 93  ? -3.126  11.896  -1.712  1.00 21.12 ? 387 LYS A O   1 
ATOM   647 C CB  . LYS A 1 93  ? -0.908  10.419  -3.641  1.00 20.68 ? 387 LYS A CB  1 
ATOM   648 C CG  . LYS A 1 93  ? -1.839  11.183  -4.583  1.00 23.53 ? 387 LYS A CG  1 
ATOM   649 C CD  . LYS A 1 93  ? -1.728  10.675  -6.016  1.00 25.28 ? 387 LYS A CD  1 
ATOM   650 C CE  . LYS A 1 93  ? -2.818  11.279  -6.897  1.00 25.74 ? 387 LYS A CE  1 
ATOM   651 N NZ  . LYS A 1 93  ? -2.826  10.717  -8.280  1.00 29.70 ? 387 LYS A NZ  1 
ATOM   652 N N   . TRP A 1 94  ? -3.064  9.655   -1.503  1.00 19.90 ? 388 TRP A N   1 
ATOM   653 C CA  . TRP A 1 94  ? -4.473  9.560   -1.153  1.00 20.06 ? 388 TRP A CA  1 
ATOM   654 C C   . TRP A 1 94  ? -4.783  9.604   0.339   1.00 21.49 ? 388 TRP A C   1 
ATOM   655 O O   . TRP A 1 94  ? -5.899  9.298   0.766   1.00 24.43 ? 388 TRP A O   1 
ATOM   656 C CB  . TRP A 1 94  ? -5.076  8.316   -1.807  1.00 19.75 ? 388 TRP A CB  1 
ATOM   657 C CG  . TRP A 1 94  ? -5.103  8.442   -3.301  1.00 20.59 ? 388 TRP A CG  1 
ATOM   658 C CD1 . TRP A 1 94  ? -4.074  8.209   -4.165  1.00 21.66 ? 388 TRP A CD1 1 
ATOM   659 C CD2 . TRP A 1 94  ? -6.198  8.908   -4.098  1.00 20.23 ? 388 TRP A CD2 1 
ATOM   660 N NE1 . TRP A 1 94  ? -4.458  8.502   -5.453  1.00 22.18 ? 388 TRP A NE1 1 
ATOM   661 C CE2 . TRP A 1 94  ? -5.758  8.934   -5.438  1.00 19.43 ? 388 TRP A CE2 1 
ATOM   662 C CE3 . TRP A 1 94  ? -7.510  9.308   -3.807  1.00 19.95 ? 388 TRP A CE3 1 
ATOM   663 C CZ2 . TRP A 1 94  ? -6.586  9.344   -6.492  1.00 19.76 ? 388 TRP A CZ2 1 
ATOM   664 C CZ3 . TRP A 1 94  ? -8.332  9.716   -4.852  1.00 19.32 ? 388 TRP A CZ3 1 
ATOM   665 C CH2 . TRP A 1 94  ? -7.866  9.730   -6.178  1.00 20.67 ? 388 TRP A CH2 1 
ATOM   666 N N   . GLY A 1 95  ? -3.788  9.998   1.128   1.00 21.57 ? 389 GLY A N   1 
ATOM   667 C CA  . GLY A 1 95  ? -3.967  10.132  2.563   1.00 23.19 ? 389 GLY A CA  1 
ATOM   668 C C   . GLY A 1 95  ? -4.318  8.897   3.369   1.00 23.12 ? 389 GLY A C   1 
ATOM   669 O O   . GLY A 1 95  ? -5.044  8.995   4.362   1.00 24.67 ? 389 GLY A O   1 
ATOM   670 N N   . LEU A 1 96  ? -3.808  7.739   2.965   1.00 21.29 ? 390 LEU A N   1 
ATOM   671 C CA  . LEU A 1 96  ? -4.079  6.511   3.698   1.00 21.41 ? 390 LEU A CA  1 
ATOM   672 C C   . LEU A 1 96  ? -2.995  6.267   4.748   1.00 19.99 ? 390 LEU A C   1 
ATOM   673 O O   . LEU A 1 96  ? -3.174  5.470   5.669   1.00 21.34 ? 390 LEU A O   1 
ATOM   674 C CB  . LEU A 1 96  ? -4.204  5.331   2.731   1.00 22.10 ? 390 LEU A CB  1 
ATOM   675 C CG  . LEU A 1 96  ? -5.417  5.448   1.799   1.00 23.34 ? 390 LEU A CG  1 
ATOM   676 C CD1 . LEU A 1 96  ? -5.448  4.271   0.846   1.00 25.28 ? 390 LEU A CD1 1 
ATOM   677 C CD2 . LEU A 1 96  ? -6.701  5.505   2.620   1.00 25.62 ? 390 LEU A CD2 1 
ATOM   678 N N   . ILE A 1 97  ? -1.862  6.950   4.596   1.00 19.21 ? 391 ILE A N   1 
ATOM   679 C CA  . ILE A 1 97  ? -0.776  6.870   5.571   1.00 19.32 ? 391 ILE A CA  1 
ATOM   680 C C   . ILE A 1 97  ? -0.158  8.255   5.714   1.00 20.97 ? 391 ILE A C   1 
ATOM   681 O O   . ILE A 1 97  ? -0.296  9.101   4.825   1.00 22.59 ? 391 ILE A O   1 
ATOM   682 C CB  . ILE A 1 97  ? 0.354   5.876   5.170   1.00 18.92 ? 391 ILE A CB  1 
ATOM   683 C CG1 . ILE A 1 97  ? 1.035   6.333   3.876   1.00 18.42 ? 391 ILE A CG1 1 
ATOM   684 C CG2 . ILE A 1 97  ? -0.208  4.462   5.066   1.00 19.77 ? 391 ILE A CG2 1 
ATOM   685 C CD1 . ILE A 1 97  ? 2.271   5.507   3.517   1.00 19.75 ? 391 ILE A CD1 1 
ATOM   686 N N   . ASN A 1 98  ? 0.499   8.483   6.846   1.00 21.31 ? 392 ASN A N   1 
ATOM   687 C CA  . ASN A 1 98  ? 1.165   9.752   7.123   1.00 22.26 ? 392 ASN A CA  1 
ATOM   688 C C   . ASN A 1 98  ? 0.249   10.963  6.971   1.00 25.01 ? 392 ASN A C   1 
ATOM   689 O O   . ASN A 1 98  ? 0.642   11.984  6.406   1.00 26.52 ? 392 ASN A O   1 
ATOM   690 C CB  . ASN A 1 98  ? 2.390   9.897   6.215   1.00 22.62 ? 392 ASN A CB  1 
ATOM   691 C CG  . ASN A 1 98  ? 3.388   8.775   6.416   1.00 20.51 ? 392 ASN A CG  1 
ATOM   692 O OD1 . ASN A 1 98  ? 3.682   8.398   7.549   1.00 21.16 ? 392 ASN A OD1 1 
ATOM   693 N ND2 . ASN A 1 98  ? 3.921   8.241   5.320   1.00 21.88 ? 392 ASN A ND2 1 
ATOM   694 N N   . TYR A 1 99  ? -0.967  10.846  7.497   1.00 26.66 ? 393 TYR A N   1 
ATOM   695 C CA  . TYR A 1 99  ? -1.950  11.921  7.417   1.00 29.28 ? 393 TYR A CA  1 
ATOM   696 C C   . TYR A 1 99  ? -2.138  12.668  8.737   1.00 31.30 ? 393 TYR A C   1 
ATOM   697 O O   . TYR A 1 99  ? -2.961  13.580  8.825   1.00 32.16 ? 393 TYR A O   1 
ATOM   698 C CB  . TYR A 1 99  ? -3.289  11.356  6.933   1.00 29.47 ? 393 TYR A CB  1 
ATOM   699 C CG  . TYR A 1 99  ? -3.776  10.161  7.721   1.00 29.91 ? 393 TYR A CG  1 
ATOM   700 C CD1 . TYR A 1 99  ? -4.305  10.311  9.002   1.00 29.61 ? 393 TYR A CD1 1 
ATOM   701 C CD2 . TYR A 1 99  ? -3.691  8.873   7.191   1.00 29.58 ? 393 TYR A CD2 1 
ATOM   702 C CE1 . TYR A 1 99  ? -4.737  9.209   9.738   1.00 30.47 ? 393 TYR A CE1 1 
ATOM   703 C CE2 . TYR A 1 99  ? -4.120  7.765   7.917   1.00 30.40 ? 393 TYR A CE2 1 
ATOM   704 C CZ  . TYR A 1 99  ? -4.641  7.941   9.189   1.00 30.73 ? 393 TYR A CZ  1 
ATOM   705 O OH  . TYR A 1 99  ? -5.063  6.849   9.912   1.00 31.67 ? 393 TYR A OH  1 
ATOM   706 N N   . GLN A 1 100 ? -1.371  12.283  9.754   1.00 32.17 ? 394 GLN A N   1 
ATOM   707 C CA  . GLN A 1 100 ? -1.444  12.921  11.067  1.00 34.36 ? 394 GLN A CA  1 
ATOM   708 C C   . GLN A 1 100 ? -0.068  12.994  11.721  1.00 34.05 ? 394 GLN A C   1 
ATOM   709 O O   . GLN A 1 100 ? 0.043   12.980  12.948  1.00 34.80 ? 394 GLN A O   1 
ATOM   710 C CB  . GLN A 1 100 ? -2.388  12.148  11.992  1.00 36.81 ? 394 GLN A CB  1 
ATOM   711 C CG  . GLN A 1 100 ? -3.855  12.240  11.629  1.00 41.12 ? 394 GLN A CG  1 
ATOM   712 C CD  . GLN A 1 100 ? -4.736  11.447  12.578  1.00 42.59 ? 394 GLN A CD  1 
ATOM   713 O OE1 . GLN A 1 100 ? -5.959  11.422  12.435  1.00 45.07 ? 394 GLN A OE1 1 
ATOM   714 N NE2 . GLN A 1 100 ? -4.115  10.794  13.556  1.00 43.69 ? 394 GLN A NE2 1 
ATOM   715 N N   . VAL A 1 101 ? 0.977   13.065  10.904  1.00 33.88 ? 395 VAL A N   1 
ATOM   716 C CA  . VAL A 1 101 ? 2.340   13.131  11.419  1.00 34.06 ? 395 VAL A CA  1 
ATOM   717 C C   . VAL A 1 101 ? 2.594   14.445  12.153  1.00 35.76 ? 395 VAL A C   1 
ATOM   718 O O   . VAL A 1 101 ? 3.074   14.385  13.306  1.00 36.93 ? 395 VAL A O   1 
ATOM   719 C CB  . VAL A 1 101 ? 3.372   12.983  10.280  1.00 33.08 ? 395 VAL A CB  1 
ATOM   720 C CG1 . VAL A 1 101 ? 4.785   13.111  10.831  1.00 32.32 ? 395 VAL A CG1 1 
ATOM   721 C CG2 . VAL A 1 101 ? 3.196   11.632  9.601   1.00 30.72 ? 395 VAL A CG2 1 
HETATM 722 O O   . HOH B 2 .   ? -0.718  -7.940  -12.293 1.00 18.15 ? 1   HOH A O   1 
HETATM 723 O O   . HOH B 2 .   ? -10.151 -0.516  -0.253  1.00 18.21 ? 2   HOH A O   1 
HETATM 724 O O   . HOH B 2 .   ? -1.604  -11.091 -12.320 1.00 21.58 ? 3   HOH A O   1 
HETATM 725 O O   . HOH B 2 .   ? -4.063  -3.321  -14.710 1.00 18.01 ? 4   HOH A O   1 
HETATM 726 O O   . HOH B 2 .   ? 2.375   5.468   -7.080  1.00 19.65 ? 5   HOH A O   1 
HETATM 727 O O   . HOH B 2 .   ? 3.893   5.523   11.475  1.00 23.80 ? 6   HOH A O   1 
HETATM 728 O O   . HOH B 2 .   ? 1.397   0.160   -10.967 1.00 21.34 ? 7   HOH A O   1 
HETATM 729 O O   . HOH B 2 .   ? -3.634  -9.360  -11.467 1.00 17.95 ? 8   HOH A O   1 
HETATM 730 O O   . HOH B 2 .   ? -12.788 -0.030  -0.792  1.00 22.09 ? 9   HOH A O   1 
HETATM 731 O O   . HOH B 2 .   ? -3.076  -0.897  13.082  1.00 22.74 ? 10  HOH A O   1 
HETATM 732 O O   . HOH B 2 .   ? -4.092  -6.763  -18.347 1.00 20.81 ? 11  HOH A O   1 
HETATM 733 O O   . HOH B 2 .   ? -5.475  -11.230 -10.849 1.00 20.81 ? 12  HOH A O   1 
HETATM 734 O O   . HOH B 2 .   ? 6.282   -1.573  10.003  1.00 20.80 ? 13  HOH A O   1 
HETATM 735 O O   . HOH B 2 .   ? -1.115  -6.353  7.846   1.00 24.04 ? 14  HOH A O   1 
HETATM 736 O O   . HOH B 2 .   ? -12.774 -5.890  -3.342  1.00 30.27 ? 15  HOH A O   1 
HETATM 737 O O   . HOH B 2 .   ? 8.966   4.311   9.497   1.00 24.36 ? 16  HOH A O   1 
HETATM 738 O O   . HOH B 2 .   ? 12.828  6.066   3.134   1.00 21.82 ? 17  HOH A O   1 
HETATM 739 O O   . HOH B 2 .   ? -3.444  7.915   -8.098  1.00 25.32 ? 18  HOH A O   1 
HETATM 740 O O   . HOH B 2 .   ? -2.515  14.599  -3.039  1.00 29.57 ? 19  HOH A O   1 
HETATM 741 O O   . HOH B 2 .   ? -13.385 3.659   -11.980 1.00 28.41 ? 20  HOH A O   1 
HETATM 742 O O   . HOH B 2 .   ? -8.563  9.300   1.067   1.00 28.99 ? 21  HOH A O   1 
HETATM 743 O O   . HOH B 2 .   ? -14.769 0.596   -6.294  1.00 28.63 ? 22  HOH A O   1 
HETATM 744 O O   . HOH B 2 .   ? 11.797  -4.140  12.056  1.00 29.38 ? 23  HOH A O   1 
HETATM 745 O O   . HOH B 2 .   ? 4.127   1.880   13.503  1.00 31.60 ? 24  HOH A O   1 
HETATM 746 O O   . HOH B 2 .   ? 8.444   3.727   -10.458 1.00 40.73 ? 25  HOH A O   1 
HETATM 747 O O   . HOH B 2 .   ? -11.188 -1.335  6.798   1.00 31.01 ? 26  HOH A O   1 
HETATM 748 O O   . HOH B 2 .   ? 0.034   -7.690  5.458   1.00 25.56 ? 27  HOH A O   1 
HETATM 749 O O   . HOH B 2 .   ? 10.037  -1.559  12.460  1.00 29.19 ? 28  HOH A O   1 
HETATM 750 O O   . HOH B 2 .   ? -0.776  11.358  3.272   1.00 30.51 ? 29  HOH A O   1 
HETATM 751 O O   . HOH B 2 .   ? 11.571  -5.512  0.341   1.00 30.37 ? 30  HOH A O   1 
HETATM 752 O O   . HOH B 2 .   ? -14.396 -3.148  -5.753  1.00 29.79 ? 31  HOH A O   1 
HETATM 753 O O   . HOH B 2 .   ? 2.672   10.772  -3.113  1.00 30.98 ? 32  HOH A O   1 
HETATM 754 O O   . HOH B 2 .   ? -5.262  -1.099  11.339  1.00 34.23 ? 33  HOH A O   1 
HETATM 755 O O   . HOH B 2 .   ? 9.468   -3.010  -10.263 1.00 35.26 ? 34  HOH A O   1 
HETATM 756 O O   . HOH B 2 .   ? -7.252  7.889   5.812   1.00 35.02 ? 35  HOH A O   1 
HETATM 757 O O   . HOH B 2 .   ? -10.721 3.604   6.033   1.00 38.32 ? 36  HOH A O   1 
HETATM 758 O O   . HOH B 2 .   ? -3.534  -14.274 -18.207 1.00 40.23 ? 37  HOH A O   1 
HETATM 759 O O   . HOH B 2 .   ? -4.602  5.065   14.453  1.00 34.19 ? 38  HOH A O   1 
HETATM 760 O O   . HOH B 2 .   ? -5.571  4.954   6.979   1.00 34.48 ? 39  HOH A O   1 
HETATM 761 O O   . HOH B 2 .   ? 4.236   9.813   3.043   1.00 33.10 ? 40  HOH A O   1 
HETATM 762 O O   . HOH B 2 .   ? -7.629  -0.005  11.407  1.00 40.49 ? 41  HOH A O   1 
HETATM 763 O O   . HOH B 2 .   ? 2.959   -0.708  -6.296  1.00 32.99 ? 42  HOH A O   1 
HETATM 764 O O   . HOH B 2 .   ? -4.501  -8.979  3.184   1.00 41.94 ? 43  HOH A O   1 
HETATM 765 O O   . HOH B 2 .   ? 7.446   -8.925  -8.054  1.00 41.51 ? 44  HOH A O   1 
HETATM 766 O O   . HOH B 2 .   ? 9.285   4.364   13.681  1.00 49.19 ? 45  HOH A O   1 
HETATM 767 O O   . HOH B 2 .   ? 15.035  -6.398  8.002   1.00 45.15 ? 46  HOH A O   1 
HETATM 768 O O   . HOH B 2 .   ? -6.316  11.584  4.724   1.00 43.67 ? 47  HOH A O   1 
HETATM 769 O O   . HOH B 2 .   ? -0.862  -16.132 -9.011  1.00 46.10 ? 48  HOH A O   1 
HETATM 770 O O   . HOH B 2 .   ? 1.129   -15.239 -5.837  1.00 44.14 ? 49  HOH A O   1 
HETATM 771 O O   . HOH B 2 .   ? 0.532   -13.103 -21.937 1.00 48.32 ? 50  HOH A O   1 
HETATM 772 O O   . HOH B 2 .   ? 2.795   17.180  13.699  1.00 47.89 ? 51  HOH A O   1 
HETATM 773 O O   . HOH B 2 .   ? -15.170 -7.733  1.050   1.00 49.28 ? 52  HOH A O   1 
HETATM 774 O O   . HOH B 2 .   ? 3.128   -11.098 -17.946 1.00 46.76 ? 53  HOH A O   1 
HETATM 775 O O   . HOH B 2 .   ? -0.917  6.178   -10.305 1.00 42.99 ? 54  HOH A O   1 
HETATM 776 O O   . HOH B 2 .   ? 2.033   -9.441  -24.597 1.00 49.17 ? 55  HOH A O   1 
HETATM 777 O O   . HOH B 2 .   ? 13.333  -7.249  -6.507  1.00 43.55 ? 56  HOH A O   1 
HETATM 778 O O   . HOH B 2 .   ? 2.861   14.176  16.206  1.00 49.13 ? 57  HOH A O   1 
HETATM 779 O O   . HOH B 2 .   ? 12.195  8.692   4.710   1.00 23.85 ? 58  HOH A O   1 
HETATM 780 O O   . HOH B 2 .   ? -0.336  7.117   -7.138  1.00 27.17 ? 59  HOH A O   1 
HETATM 781 O O   . HOH B 2 .   ? 2.370   -8.932  5.593   1.00 30.63 ? 60  HOH A O   1 
HETATM 782 O O   . HOH B 2 .   ? 7.680   2.908   11.502  1.00 30.92 ? 61  HOH A O   1 
HETATM 783 O O   . HOH B 2 .   ? -7.741  6.292   -14.291 1.00 37.04 ? 62  HOH A O   1 
HETATM 784 O O   . HOH B 2 .   ? -14.619 -1.031  -2.754  1.00 36.17 ? 63  HOH A O   1 
HETATM 785 O O   . HOH B 2 .   ? 14.220  -4.487  -0.268  1.00 42.36 ? 64  HOH A O   1 
HETATM 786 O O   . HOH B 2 .   ? 5.282   -13.327 -11.950 1.00 39.60 ? 65  HOH A O   1 
HETATM 787 O O   . HOH B 2 .   ? 13.350  -6.428  -9.590  1.00 36.56 ? 66  HOH A O   1 
HETATM 788 O O   . HOH B 2 .   ? 5.608   3.980   12.639  1.00 38.78 ? 67  HOH A O   1 
HETATM 789 O O   . HOH B 2 .   ? -1.581  -14.405 -5.474  1.00 34.29 ? 68  HOH A O   1 
HETATM 790 O O   . HOH B 2 .   ? -10.236 1.056   7.294   1.00 43.90 ? 69  HOH A O   1 
HETATM 791 O O   . HOH B 2 .   ? 6.448   0.496   11.863  1.00 36.22 ? 70  HOH A O   1 
HETATM 792 O O   . HOH B 2 .   ? -2.569  -13.649 -12.363 1.00 40.28 ? 71  HOH A O   1 
HETATM 793 O O   . HOH B 2 .   ? 5.170   11.665  -3.091  1.00 44.03 ? 72  HOH A O   1 
HETATM 794 O O   . HOH B 2 .   ? 2.831   -8.407  -18.294 1.00 49.05 ? 73  HOH A O   1 
HETATM 795 O O   . HOH B 2 .   ? 1.482   13.114  -2.367  1.00 39.16 ? 74  HOH A O   1 
HETATM 796 O O   . HOH B 2 .   ? 5.712   0.029   14.813  1.00 41.02 ? 75  HOH A O   1 
HETATM 797 O O   . HOH B 2 .   ? 0.027   14.478  -4.308  1.00 45.19 ? 76  HOH A O   1 
HETATM 798 O O   . HOH B 2 .   ? 2.163   11.560  -5.817  1.00 40.01 ? 77  HOH A O   1 
HETATM 799 O O   . HOH B 2 .   ? 2.925   4.560   -9.663  1.00 40.04 ? 78  HOH A O   1 
HETATM 800 O O   . HOH B 2 .   ? -2.319  -9.397  5.282   1.00 36.11 ? 79  HOH A O   1 
HETATM 801 O O   . HOH B 2 .   ? -16.365 0.466   -4.145  1.00 38.51 ? 80  HOH A O   1 
HETATM 802 O O   . HOH B 2 .   ? 0.441   -8.397  -26.968 1.00 39.08 ? 81  HOH A O   1 
HETATM 803 O O   . HOH B 2 .   ? -3.180  13.427  3.736   1.00 37.97 ? 82  HOH A O   1 
HETATM 804 O O   . HOH B 2 .   ? 4.418   6.812   18.810  1.00 39.77 ? 83  HOH A O   1 
HETATM 805 O O   . HOH B 2 .   ? 0.629   14.255  8.327   1.00 36.39 ? 84  HOH A O   1 
HETATM 806 O O   . HOH B 2 .   ? -2.914  7.279   -11.835 1.00 48.15 ? 85  HOH A O   1 
HETATM 807 O O   . HOH B 2 .   ? 13.233  0.305   10.354  1.00 47.43 ? 86  HOH A O   1 
HETATM 808 O O   . HOH B 2 .   ? 9.229   6.155   -9.913  1.00 42.21 ? 87  HOH A O   1 
HETATM 809 O O   . HOH B 2 .   ? 0.668   5.331   19.479  1.00 46.67 ? 88  HOH A O   1 
HETATM 810 O O   . HOH B 2 .   ? -11.239 11.074  7.173   1.00 41.94 ? 89  HOH A O   1 
HETATM 811 O O   . HOH B 2 .   ? 10.698  7.832   9.836   1.00 48.72 ? 90  HOH A O   1 
HETATM 812 O O   . HOH B 2 .   ? -1.299  11.814  14.998  1.00 46.87 ? 91  HOH A O   1 
HETATM 813 O O   . HOH B 2 .   ? 12.247  5.599   8.774   1.00 37.67 ? 92  HOH A O   1 
HETATM 814 O O   . HOH B 2 .   ? -4.896  7.044   12.624  1.00 48.98 ? 93  HOH A O   1 
HETATM 815 O O   . HOH B 2 .   ? -9.590  6.121   7.055   1.00 44.64 ? 94  HOH A O   1 
HETATM 816 O O   . HOH B 2 .   ? -6.527  2.294   13.947  1.00 44.44 ? 95  HOH A O   1 
HETATM 817 O O   . HOH B 2 .   ? 4.771   -12.136 -5.218  1.00 37.40 ? 96  HOH A O   1 
HETATM 818 O O   . HOH B 2 .   ? 1.215   13.348  3.644   1.00 38.07 ? 97  HOH A O   1 
HETATM 819 O O   . HOH B 2 .   ? 15.212  -0.826  5.008   1.00 47.79 ? 98  HOH A O   1 
HETATM 820 O O   . HOH B 2 .   ? 0.885   -15.177 -17.476 1.00 43.17 ? 99  HOH A O   1 
HETATM 821 O O   . HOH B 2 .   ? -14.657 1.482   4.789   1.00 46.51 ? 100 HOH A O   1 
HETATM 822 O O   . HOH B 2 .   ? -9.896  -6.068  8.513   1.00 45.97 ? 101 HOH A O   1 
HETATM 823 O O   . HOH B 2 .   ? 17.051  5.293   4.199   1.00 45.82 ? 102 HOH A O   1 
HETATM 824 O O   . HOH B 2 .   ? 4.791   12.695  -8.871  1.00 42.68 ? 103 HOH A O   1 
HETATM 825 O O   . HOH B 2 .   ? -4.279  0.422   15.120  1.00 43.60 ? 104 HOH A O   1 
HETATM 826 O O   . HOH B 2 .   ? 12.800  -5.909  9.920   1.00 48.98 ? 105 HOH A O   1 
HETATM 827 O O   . HOH B 2 .   ? 14.396  3.010   -0.490  1.00 23.91 ? 106 HOH A O   1 
HETATM 828 O O   . HOH B 2 .   ? 17.014  8.153   2.970   1.00 43.42 ? 107 HOH A O   1 
HETATM 829 O O   . HOH B 2 .   ? 6.834   6.947   -9.287  1.00 39.92 ? 108 HOH A O   1 
HETATM 830 O O   . HOH B 2 .   ? 1.402   3.026   -11.173 1.00 37.24 ? 109 HOH A O   1 
HETATM 831 O O   . HOH B 2 .   ? 1.497   9.531   -7.967  1.00 42.12 ? 110 HOH A O   1 
HETATM 832 O O   . HOH B 2 .   ? -11.041 -9.715  1.777   1.00 46.56 ? 111 HOH A O   1 
HETATM 833 O O   . HOH B 2 .   ? -11.717 -3.861  8.180   1.00 45.19 ? 112 HOH A O   1 
HETATM 834 O O   . HOH B 2 .   ? 4.308   -9.370  3.800   1.00 45.05 ? 113 HOH A O   1 
HETATM 835 O O   . HOH B 2 .   ? 8.952   -9.505  -5.008  1.00 43.80 ? 114 HOH A O   1 
HETATM 836 O O   . HOH B 2 .   ? 9.467   8.117   15.745  1.00 49.65 ? 115 HOH A O   1 
HETATM 837 O O   . HOH B 2 .   ? 11.115  1.147   11.820  1.00 50.35 ? 116 HOH A O   1 
HETATM 838 O O   . HOH B 2 .   ? 5.230   5.591   -10.855 1.00 48.50 ? 117 HOH A O   1 
HETATM 839 O O   . HOH B 2 .   ? -12.379 10.472  4.830   1.00 40.76 ? 118 HOH A O   1 
HETATM 840 O O   . HOH B 2 .   ? -10.448 8.819   8.210   1.00 47.76 ? 119 HOH A O   1 
HETATM 841 O O   . HOH B 2 .   ? 1.338   -18.386 -8.694  1.00 42.60 ? 120 HOH A O   1 
HETATM 842 O O   . HOH B 2 .   ? 0.462   3.897   -13.554 1.00 42.65 ? 121 HOH A O   1 
HETATM 843 O O   . HOH B 2 .   ? -7.776  8.726   8.595   1.00 48.92 ? 122 HOH A O   1 
HETATM 844 O O   . HOH B 2 .   ? 7.289   10.350  -7.654  1.00 52.99 ? 123 HOH A O   1 
# 
